data_1LR5
#
_entry.id   1LR5
#
_cell.length_a   61.583
_cell.length_b   82.433
_cell.length_c   69.962
_cell.angle_alpha   90.00
_cell.angle_beta   94.37
_cell.angle_gamma   90.00
#
_symmetry.space_group_name_H-M   'P 1 21 1'
#
loop_
_entity.id
_entity.type
_entity.pdbx_description
1 polymer 'Auxin binding protein 1'
2 branched alpha-D-mannopyranose-(1-3)-[alpha-D-mannopyranose-(1-6)]alpha-D-mannopyranose-(1-6)-beta-D-mannopyranose-(1-4)-2-acetamido-2-deoxy-beta-D-glucopyranose-(1-4)-2-acetamido-2-deoxy-beta-D-glucopyranose
3 non-polymer 'ZINC ION'
4 water water
#
_entity_poly.entity_id   1
_entity_poly.type   'polypeptide(L)'
_entity_poly.pdbx_seq_one_letter_code
;SCVRDNSLVRDISQMPQSSYGIEGLSHITVAGALNHGMKEVEVWLQTISPGQRTPIHRHSCEEVFTVLKGKGTLLMGSSS
LKYPGQPQEIPFFQNTTFSIPVNDPHQVWNSDEHEDLQVLVIISRPPAKIFLYDDWSMPHTAAVLKFPFVWDEDCFEAAK
EQL
;
_entity_poly.pdbx_strand_id   A,B,C,D
#
loop_
_chem_comp.id
_chem_comp.type
_chem_comp.name
_chem_comp.formula
BMA D-saccharide, beta linking beta-D-mannopyranose 'C6 H12 O6'
MAN D-saccharide, alpha linking alpha-D-mannopyranose 'C6 H12 O6'
NAG D-saccharide, beta linking 2-acetamido-2-deoxy-beta-D-glucopyranose 'C8 H15 N O6'
ZN non-polymer 'ZINC ION' 'Zn 2'
#
# COMPACT_ATOMS: atom_id res chain seq x y z
N SER A 1 24.68 -27.85 18.21
CA SER A 1 23.91 -28.40 17.06
C SER A 1 22.65 -27.51 16.86
N CYS A 2 22.19 -27.57 15.62
CA CYS A 2 20.98 -26.89 15.25
C CYS A 2 19.76 -27.72 15.71
N VAL A 3 18.91 -27.14 16.53
CA VAL A 3 17.70 -27.89 16.92
C VAL A 3 16.50 -27.22 16.26
N ARG A 4 15.87 -27.90 15.32
CA ARG A 4 14.70 -27.44 14.64
C ARG A 4 13.48 -28.21 15.16
N ASP A 5 12.35 -27.54 15.19
CA ASP A 5 11.17 -28.24 15.76
C ASP A 5 9.95 -27.83 14.94
N ASN A 6 9.38 -28.73 14.16
CA ASN A 6 8.21 -28.45 13.35
C ASN A 6 6.91 -28.69 14.12
N SER A 7 6.99 -28.96 15.41
CA SER A 7 5.79 -29.22 16.21
C SER A 7 5.01 -27.90 16.50
N LEU A 8 3.71 -28.03 16.58
CA LEU A 8 2.80 -26.93 16.88
C LEU A 8 2.94 -26.45 18.31
N VAL A 9 2.73 -27.39 19.25
CA VAL A 9 2.83 -26.99 20.66
C VAL A 9 4.17 -27.49 21.20
N ARG A 10 5.02 -26.64 21.75
CA ARG A 10 6.35 -27.03 22.22
C ARG A 10 6.57 -26.58 23.64
N ASP A 11 7.20 -27.43 24.44
CA ASP A 11 7.53 -27.12 25.84
C ASP A 11 8.83 -26.32 25.84
N ILE A 12 8.77 -25.08 26.27
CA ILE A 12 9.94 -24.18 26.29
C ILE A 12 11.06 -24.69 27.18
N SER A 13 10.71 -25.33 28.29
CA SER A 13 11.67 -25.94 29.21
C SER A 13 12.44 -27.10 28.59
N GLN A 14 12.02 -27.62 27.45
CA GLN A 14 12.78 -28.69 26.76
C GLN A 14 13.50 -28.18 25.52
N MET A 15 13.47 -26.90 25.21
CA MET A 15 14.19 -26.31 24.09
C MET A 15 15.57 -25.92 24.67
N PRO A 16 16.63 -26.37 24.07
CA PRO A 16 17.97 -26.27 24.59
C PRO A 16 18.46 -24.84 24.70
N GLN A 17 19.02 -24.53 25.84
CA GLN A 17 19.45 -23.20 26.20
C GLN A 17 20.97 -23.13 26.18
N SER A 18 21.48 -21.95 25.90
CA SER A 18 22.97 -21.84 25.97
C SER A 18 23.35 -20.39 26.18
N SER A 19 24.59 -20.15 26.65
CA SER A 19 25.05 -18.77 26.74
C SER A 19 25.61 -18.37 25.36
N TYR A 20 25.90 -19.35 24.50
CA TYR A 20 26.57 -19.11 23.23
C TYR A 20 27.85 -18.29 23.38
N GLY A 21 28.61 -18.31 24.46
CA GLY A 21 29.80 -17.47 24.61
C GLY A 21 29.59 -16.14 25.29
N ILE A 22 28.34 -15.69 25.48
CA ILE A 22 28.04 -14.40 26.12
C ILE A 22 27.94 -14.69 27.62
N GLU A 23 28.99 -14.31 28.35
CA GLU A 23 29.08 -14.64 29.77
C GLU A 23 27.90 -14.06 30.55
N GLY A 24 27.28 -14.91 31.36
CA GLY A 24 26.10 -14.50 32.14
C GLY A 24 24.81 -14.57 31.35
N LEU A 25 24.82 -14.95 30.06
CA LEU A 25 23.55 -15.06 29.32
C LEU A 25 23.06 -16.51 29.27
N SER A 26 21.75 -16.66 29.20
CA SER A 26 21.15 -17.99 28.98
C SER A 26 20.07 -17.69 27.93
N HIS A 27 20.17 -18.19 26.73
CA HIS A 27 19.22 -17.92 25.68
C HIS A 27 18.48 -19.14 25.17
N ILE A 28 17.19 -18.96 24.92
CA ILE A 28 16.37 -19.91 24.23
C ILE A 28 15.59 -19.18 23.12
N THR A 29 15.67 -19.74 21.91
CA THR A 29 14.83 -19.22 20.81
C THR A 29 13.49 -19.95 20.90
N VAL A 30 12.48 -19.22 21.42
CA VAL A 30 11.16 -19.77 21.68
C VAL A 30 10.44 -20.05 20.38
N ALA A 31 10.52 -19.16 19.40
CA ALA A 31 9.82 -19.35 18.14
C ALA A 31 10.59 -18.50 17.13
N GLY A 32 11.35 -19.16 16.27
CA GLY A 32 12.23 -18.35 15.38
C GLY A 32 12.18 -18.78 13.94
N ALA A 33 12.88 -17.97 13.11
CA ALA A 33 13.06 -18.19 11.71
C ALA A 33 13.79 -19.51 11.42
N LEU A 34 15.06 -19.61 11.78
CA LEU A 34 15.79 -20.85 11.39
C LEU A 34 15.37 -22.10 12.16
N ASN A 35 14.98 -21.88 13.44
CA ASN A 35 14.65 -23.09 14.23
C ASN A 35 13.24 -23.62 13.98
N HIS A 36 12.30 -22.71 13.67
CA HIS A 36 10.90 -23.13 13.55
C HIS A 36 10.18 -22.64 12.31
N GLY A 37 10.90 -21.91 11.43
CA GLY A 37 10.29 -21.43 10.20
C GLY A 37 9.51 -20.12 10.28
N MET A 38 9.60 -19.37 11.36
CA MET A 38 8.93 -18.08 11.42
C MET A 38 9.48 -17.15 10.34
N LYS A 39 8.62 -16.24 9.87
CA LYS A 39 9.03 -15.28 8.85
C LYS A 39 8.87 -13.82 9.21
N GLU A 40 7.97 -13.51 10.18
CA GLU A 40 7.63 -12.11 10.44
C GLU A 40 7.95 -11.72 11.86
N VAL A 41 7.95 -12.62 12.83
CA VAL A 41 8.29 -12.30 14.19
C VAL A 41 9.13 -13.43 14.75
N GLU A 42 9.97 -13.18 15.72
CA GLU A 42 10.79 -14.22 16.33
C GLU A 42 10.87 -13.83 17.80
N VAL A 43 10.76 -14.85 18.65
CA VAL A 43 10.66 -14.66 20.08
C VAL A 43 11.76 -15.35 20.89
N TRP A 44 12.39 -14.64 21.78
CA TRP A 44 13.48 -15.17 22.57
C TRP A 44 13.12 -15.15 24.04
N LEU A 45 13.73 -16.01 24.83
CA LEU A 45 13.59 -15.96 26.28
C LEU A 45 15.04 -15.84 26.76
N GLN A 46 15.39 -14.80 27.48
CA GLN A 46 16.79 -14.68 27.89
C GLN A 46 16.88 -14.40 29.38
N THR A 47 17.88 -15.00 30.02
CA THR A 47 18.12 -14.66 31.42
C THR A 47 19.51 -14.03 31.48
N ILE A 48 19.72 -12.94 32.18
CA ILE A 48 21.04 -12.32 32.27
C ILE A 48 21.44 -12.28 33.74
N SER A 49 22.60 -12.79 34.10
CA SER A 49 23.07 -12.86 35.48
C SER A 49 23.44 -11.54 36.10
N PRO A 50 23.41 -11.45 37.42
CA PRO A 50 23.68 -10.20 38.13
C PRO A 50 24.91 -9.49 37.66
N GLY A 51 24.73 -8.19 37.37
CA GLY A 51 25.85 -7.40 36.87
C GLY A 51 26.27 -7.51 35.42
N GLN A 52 25.72 -8.40 34.64
CA GLN A 52 26.14 -8.68 33.26
C GLN A 52 25.36 -7.85 32.26
N ARG A 53 25.93 -7.77 31.04
CA ARG A 53 25.33 -6.91 30.02
C ARG A 53 25.31 -7.56 28.64
N THR A 54 24.43 -7.17 27.76
CA THR A 54 24.42 -7.55 26.36
C THR A 54 25.49 -6.62 25.74
N PRO A 55 26.04 -7.01 24.62
CA PRO A 55 26.89 -6.07 23.92
C PRO A 55 26.09 -4.81 23.58
N ILE A 56 26.82 -3.75 23.22
CA ILE A 56 26.23 -2.51 22.73
C ILE A 56 25.88 -2.79 21.26
N HIS A 57 24.63 -2.59 20.81
CA HIS A 57 24.36 -2.99 19.42
C HIS A 57 23.21 -2.26 18.79
N ARG A 58 22.99 -2.47 17.49
CA ARG A 58 21.77 -2.01 16.87
C ARG A 58 21.24 -3.13 15.95
N HIS A 59 19.97 -2.95 15.54
CA HIS A 59 19.44 -3.87 14.52
C HIS A 59 18.27 -3.24 13.84
N SER A 60 18.20 -3.46 12.51
CA SER A 60 17.14 -2.85 11.71
C SER A 60 15.83 -3.63 11.77
N CYS A 61 15.17 -3.59 12.92
CA CYS A 61 13.92 -4.30 13.15
C CYS A 61 13.30 -3.72 14.43
N GLU A 62 12.02 -4.00 14.66
CA GLU A 62 11.48 -3.52 15.94
C GLU A 62 11.86 -4.57 16.96
N GLU A 63 11.98 -4.21 18.22
CA GLU A 63 12.34 -5.13 19.27
C GLU A 63 11.64 -4.73 20.56
N VAL A 64 10.90 -5.68 21.10
CA VAL A 64 10.10 -5.42 22.28
C VAL A 64 10.53 -6.39 23.39
N PHE A 65 10.78 -5.85 24.54
CA PHE A 65 11.15 -6.61 25.71
C PHE A 65 10.04 -6.59 26.78
N THR A 66 9.82 -7.75 27.39
CA THR A 66 8.84 -7.80 28.48
C THR A 66 9.59 -8.43 29.66
N VAL A 67 9.70 -7.75 30.79
CA VAL A 67 10.49 -8.25 31.92
C VAL A 67 9.66 -9.21 32.77
N LEU A 68 10.07 -10.47 32.79
CA LEU A 68 9.35 -11.51 33.49
C LEU A 68 9.76 -11.61 34.95
N LYS A 69 11.05 -11.39 35.18
CA LYS A 69 11.63 -11.41 36.51
C LYS A 69 12.80 -10.41 36.59
N GLY A 70 13.06 -9.89 37.77
CA GLY A 70 14.23 -9.08 38.04
C GLY A 70 14.09 -7.66 37.50
N LYS A 71 15.23 -6.97 37.46
CA LYS A 71 15.23 -5.55 37.15
C LYS A 71 16.56 -5.22 36.44
N GLY A 72 16.67 -3.99 35.97
CA GLY A 72 17.91 -3.66 35.26
C GLY A 72 17.86 -2.24 34.72
N THR A 73 18.80 -1.96 33.83
CA THR A 73 18.97 -0.64 33.22
C THR A 73 19.14 -0.78 31.71
N LEU A 74 18.31 -0.06 30.98
CA LEU A 74 18.36 0.01 29.52
C LEU A 74 19.23 1.23 29.18
N LEU A 75 20.27 1.02 28.37
CA LEU A 75 21.19 2.09 27.97
C LEU A 75 20.90 2.41 26.50
N MET A 76 20.56 3.63 26.19
CA MET A 76 20.10 4.03 24.87
C MET A 76 21.08 5.10 24.34
N GLY A 77 21.56 4.93 23.10
CA GLY A 77 22.44 6.00 22.61
C GLY A 77 21.66 6.73 21.51
N SER A 78 22.38 7.62 20.83
CA SER A 78 21.77 8.45 19.78
C SER A 78 21.81 7.84 18.41
N SER A 79 20.73 8.04 17.67
CA SER A 79 20.73 7.65 16.25
C SER A 79 20.96 8.93 15.43
N SER A 80 20.91 10.13 16.04
CA SER A 80 21.16 11.34 15.24
C SER A 80 22.63 11.74 15.14
N LEU A 81 23.42 11.49 16.17
CA LEU A 81 24.86 11.73 16.08
C LEU A 81 25.46 10.68 15.16
N LYS A 82 26.76 10.82 14.84
CA LYS A 82 27.40 9.79 14.01
C LYS A 82 27.87 8.60 14.84
N TYR A 83 27.72 8.69 16.15
CA TYR A 83 28.11 7.64 17.08
C TYR A 83 27.04 7.65 18.17
N PRO A 84 26.92 6.56 18.91
CA PRO A 84 25.84 6.48 19.91
C PRO A 84 26.00 7.59 20.94
N GLY A 85 27.22 7.76 21.48
CA GLY A 85 27.46 8.80 22.49
C GLY A 85 27.20 8.27 23.90
N GLN A 86 27.53 9.02 24.93
CA GLN A 86 27.27 8.60 26.32
C GLN A 86 25.77 8.25 26.37
N PRO A 87 25.42 7.12 26.98
CA PRO A 87 24.06 6.69 26.88
C PRO A 87 23.13 7.25 27.95
N GLN A 88 21.87 7.32 27.61
CA GLN A 88 20.84 7.60 28.63
C GLN A 88 20.66 6.30 29.41
N GLU A 89 20.42 6.33 30.71
CA GLU A 89 20.27 5.16 31.52
C GLU A 89 18.83 5.16 32.06
N ILE A 90 18.06 4.18 31.64
CA ILE A 90 16.65 4.12 31.99
C ILE A 90 16.34 2.87 32.79
N PRO A 91 16.06 3.02 34.09
CA PRO A 91 15.75 1.86 34.92
C PRO A 91 14.53 1.12 34.41
N PHE A 92 14.51 -0.20 34.58
CA PHE A 92 13.32 -0.96 34.28
C PHE A 92 13.17 -2.00 35.41
N PHE A 93 11.96 -2.57 35.53
CA PHE A 93 11.76 -3.51 36.64
C PHE A 93 10.79 -4.62 36.29
N GLN A 94 10.47 -5.52 37.25
CA GLN A 94 9.60 -6.62 36.88
C GLN A 94 8.25 -6.18 36.33
N ASN A 95 7.78 -6.81 35.27
CA ASN A 95 6.48 -6.50 34.68
C ASN A 95 6.51 -5.13 34.00
N THR A 96 7.68 -4.76 33.43
CA THR A 96 7.67 -3.57 32.57
C THR A 96 7.90 -4.07 31.13
N THR A 97 7.72 -3.19 30.18
CA THR A 97 7.96 -3.49 28.77
C THR A 97 8.65 -2.27 28.13
N PHE A 98 9.44 -2.53 27.09
CA PHE A 98 10.11 -1.38 26.42
C PHE A 98 10.38 -1.79 24.97
N SER A 99 10.20 -0.89 24.04
CA SER A 99 10.37 -1.14 22.62
C SER A 99 11.59 -0.35 22.13
N ILE A 100 12.49 -0.97 21.38
CA ILE A 100 13.71 -0.20 20.97
C ILE A 100 13.44 0.38 19.62
N PRO A 101 13.53 1.71 19.45
CA PRO A 101 13.27 2.29 18.13
C PRO A 101 14.19 1.61 17.10
N VAL A 102 13.65 1.39 15.93
CA VAL A 102 14.35 0.68 14.87
C VAL A 102 15.74 1.30 14.71
N ASN A 103 16.74 0.42 14.74
CA ASN A 103 18.11 0.91 14.55
C ASN A 103 18.80 1.69 15.64
N ASP A 104 18.19 1.98 16.77
CA ASP A 104 18.87 2.75 17.81
C ASP A 104 19.95 1.91 18.49
N PRO A 105 21.10 2.49 18.78
CA PRO A 105 22.13 1.77 19.55
C PRO A 105 21.69 1.62 21.00
N HIS A 106 21.80 0.42 21.55
CA HIS A 106 21.37 0.18 22.92
C HIS A 106 22.07 -0.98 23.57
N GLN A 107 21.95 -1.12 24.90
CA GLN A 107 22.56 -2.20 25.65
C GLN A 107 21.63 -2.52 26.84
N VAL A 108 21.44 -3.80 27.14
CA VAL A 108 20.61 -4.14 28.33
C VAL A 108 21.56 -4.61 29.41
N TRP A 109 21.44 -4.05 30.60
CA TRP A 109 22.37 -4.42 31.66
C TRP A 109 21.68 -4.96 32.90
N ASN A 110 22.01 -6.14 33.44
CA ASN A 110 21.37 -6.46 34.71
C ASN A 110 22.14 -5.68 35.79
N SER A 111 21.66 -4.48 36.14
CA SER A 111 22.37 -3.70 37.16
C SER A 111 22.06 -4.16 38.57
N ASP A 112 21.19 -5.15 38.73
CA ASP A 112 20.87 -5.74 40.02
C ASP A 112 22.01 -6.69 40.42
N GLU A 113 22.32 -6.66 41.71
CA GLU A 113 23.38 -7.49 42.28
C GLU A 113 22.78 -8.75 42.89
N HIS A 114 21.47 -8.69 43.16
CA HIS A 114 20.82 -9.74 43.90
C HIS A 114 20.17 -10.85 43.10
N GLU A 115 19.56 -10.59 41.95
CA GLU A 115 18.84 -11.69 41.27
C GLU A 115 18.93 -11.59 39.76
N ASP A 116 18.67 -12.72 39.12
CA ASP A 116 18.70 -12.83 37.68
C ASP A 116 17.62 -11.96 37.06
N LEU A 117 17.91 -11.51 35.84
CA LEU A 117 16.98 -10.74 35.04
C LEU A 117 16.49 -11.68 33.94
N GLN A 118 15.19 -11.86 33.83
CA GLN A 118 14.62 -12.68 32.77
C GLN A 118 13.64 -11.88 31.92
N VAL A 119 13.90 -11.90 30.61
CA VAL A 119 13.09 -11.17 29.64
C VAL A 119 12.61 -12.06 28.49
N LEU A 120 11.37 -11.76 28.05
CA LEU A 120 10.86 -12.32 26.81
C LEU A 120 11.14 -11.21 25.78
N VAL A 121 11.77 -11.55 24.65
CA VAL A 121 12.13 -10.53 23.68
C VAL A 121 11.51 -10.84 22.32
N ILE A 122 10.94 -9.86 21.62
CA ILE A 122 10.32 -10.16 20.32
C ILE A 122 10.95 -9.26 19.24
N ILE A 123 11.36 -9.82 18.11
CA ILE A 123 11.86 -8.92 17.06
C ILE A 123 11.05 -9.07 15.80
N SER A 124 11.04 -8.06 14.92
CA SER A 124 10.40 -8.24 13.63
C SER A 124 11.46 -8.66 12.61
N ARG A 125 10.96 -9.03 11.44
CA ARG A 125 11.82 -9.43 10.30
C ARG A 125 13.01 -10.30 10.61
N PRO A 126 12.80 -11.48 11.17
CA PRO A 126 13.89 -12.34 11.64
C PRO A 126 14.48 -13.07 10.43
N PRO A 127 15.67 -13.61 10.57
CA PRO A 127 16.46 -13.59 11.78
C PRO A 127 17.16 -12.26 11.98
N ALA A 128 17.68 -12.03 13.18
CA ALA A 128 18.28 -10.78 13.60
C ALA A 128 19.54 -10.41 12.83
N LYS A 129 19.67 -9.14 12.48
CA LYS A 129 20.89 -8.69 11.77
C LYS A 129 21.54 -7.68 12.72
N ILE A 130 22.40 -8.15 13.61
CA ILE A 130 22.91 -7.32 14.67
C ILE A 130 24.29 -6.71 14.33
N PHE A 131 24.37 -5.41 14.58
CA PHE A 131 25.66 -4.70 14.37
C PHE A 131 26.19 -4.44 15.77
N LEU A 132 27.44 -4.81 16.06
CA LEU A 132 28.04 -4.63 17.35
C LEU A 132 28.96 -3.42 17.44
N TYR A 133 28.85 -2.70 18.54
CA TYR A 133 29.71 -1.56 18.80
C TYR A 133 30.73 -1.92 19.86
N ASP A 134 32.00 -1.48 19.71
CA ASP A 134 32.94 -1.81 20.80
C ASP A 134 32.74 -0.90 22.01
N ASP A 135 32.15 0.26 21.79
CA ASP A 135 31.96 1.25 22.87
C ASP A 135 30.96 2.28 22.39
N TRP A 136 30.38 3.08 23.27
CA TRP A 136 29.44 4.13 22.87
C TRP A 136 30.07 5.15 21.93
N SER A 137 31.40 5.27 21.96
CA SER A 137 32.08 6.19 21.05
C SER A 137 32.21 5.75 19.61
N MET A 138 31.99 4.46 19.35
CA MET A 138 32.22 3.96 17.99
C MET A 138 31.21 4.48 16.99
N PRO A 139 31.66 4.96 15.84
CA PRO A 139 30.79 5.52 14.85
C PRO A 139 29.81 4.45 14.37
N HIS A 140 28.58 4.84 14.02
CA HIS A 140 27.65 3.84 13.48
C HIS A 140 28.22 3.14 12.25
N THR A 141 28.96 3.89 11.42
CA THR A 141 29.52 3.37 10.19
C THR A 141 30.61 2.32 10.41
N ALA A 142 31.19 2.17 11.58
CA ALA A 142 32.21 1.18 11.92
C ALA A 142 31.66 -0.04 12.66
N ALA A 143 30.42 0.05 13.14
CA ALA A 143 29.87 -1.07 13.92
C ALA A 143 29.90 -2.33 13.05
N VAL A 144 30.10 -3.51 13.64
CA VAL A 144 30.25 -4.67 12.76
C VAL A 144 29.02 -5.60 12.82
N LEU A 145 28.62 -5.96 11.60
CA LEU A 145 27.52 -6.92 11.47
C LEU A 145 28.00 -8.30 11.87
N LYS A 146 27.24 -8.98 12.71
CA LYS A 146 27.59 -10.36 13.12
C LYS A 146 26.37 -11.21 12.73
N PHE A 147 26.39 -11.71 11.51
CA PHE A 147 25.25 -12.48 10.98
C PHE A 147 25.81 -13.72 10.28
N PRO A 148 25.38 -14.91 10.67
CA PRO A 148 24.39 -15.12 11.71
C PRO A 148 24.82 -14.76 13.11
N PHE A 149 23.84 -14.39 13.97
CA PHE A 149 24.19 -14.09 15.36
C PHE A 149 24.51 -15.37 16.11
N VAL A 150 25.12 -15.31 17.31
CA VAL A 150 25.54 -16.55 17.95
C VAL A 150 24.49 -17.63 18.11
N TRP A 151 23.25 -17.29 18.45
CA TRP A 151 22.19 -18.33 18.58
C TRP A 151 21.62 -18.79 17.26
N ASP A 152 22.05 -18.26 16.11
CA ASP A 152 21.59 -18.76 14.81
C ASP A 152 22.72 -19.45 14.07
N GLU A 153 23.96 -19.37 14.56
CA GLU A 153 25.11 -19.90 13.82
C GLU A 153 24.98 -21.37 13.48
N ASP A 154 24.51 -22.20 14.42
CA ASP A 154 24.37 -23.63 14.16
C ASP A 154 23.37 -23.95 13.08
N CYS A 155 22.14 -23.40 13.09
CA CYS A 155 21.18 -23.71 12.06
C CYS A 155 21.58 -23.09 10.71
N PHE A 156 22.20 -21.91 10.79
CA PHE A 156 22.63 -21.25 9.55
C PHE A 156 23.67 -22.15 8.85
N GLU A 157 24.63 -22.70 9.57
CA GLU A 157 25.60 -23.60 8.92
C GLU A 157 24.89 -24.87 8.49
N ALA A 158 24.03 -25.43 9.36
CA ALA A 158 23.30 -26.63 9.00
C ALA A 158 22.48 -26.49 7.75
N ALA A 159 21.89 -25.32 7.45
CA ALA A 159 21.07 -25.11 6.29
C ALA A 159 21.82 -25.23 4.97
N LYS A 160 23.14 -25.08 5.02
CA LYS A 160 23.99 -25.20 3.84
C LYS A 160 24.00 -26.64 3.32
N SER B 1 -4.66 27.38 -2.25
CA SER B 1 -6.02 27.87 -2.62
C SER B 1 -6.48 27.28 -3.94
N CYS B 2 -7.78 27.31 -4.20
CA CYS B 2 -8.31 26.76 -5.43
C CYS B 2 -7.96 27.60 -6.66
N VAL B 3 -7.34 27.04 -7.69
CA VAL B 3 -7.09 27.78 -8.93
C VAL B 3 -8.11 27.21 -9.93
N ARG B 4 -9.13 27.93 -10.34
CA ARG B 4 -10.06 27.43 -11.34
C ARG B 4 -9.75 28.16 -12.66
N ASP B 5 -9.93 27.52 -13.80
CA ASP B 5 -9.68 28.30 -15.04
C ASP B 5 -10.69 27.94 -16.07
N ASN B 6 -11.52 28.90 -16.47
CA ASN B 6 -12.55 28.67 -17.46
C ASN B 6 -11.97 28.90 -18.86
N SER B 7 -10.70 29.26 -18.98
CA SER B 7 -10.21 29.61 -20.33
C SER B 7 -10.13 28.38 -21.24
N LEU B 8 -10.33 28.57 -22.56
CA LEU B 8 -10.25 27.44 -23.49
C LEU B 8 -8.85 26.87 -23.64
N VAL B 9 -7.86 27.68 -23.98
CA VAL B 9 -6.48 27.15 -24.14
C VAL B 9 -5.64 27.54 -22.95
N ARG B 10 -5.06 26.62 -22.20
CA ARG B 10 -4.32 26.92 -21.01
C ARG B 10 -2.93 26.33 -21.12
N ASP B 11 -2.00 27.08 -20.55
CA ASP B 11 -0.60 26.64 -20.55
C ASP B 11 -0.37 25.78 -19.33
N ILE B 12 -0.04 24.51 -19.54
CA ILE B 12 0.27 23.56 -18.48
C ILE B 12 1.45 23.99 -17.61
N SER B 13 2.45 24.69 -18.20
CA SER B 13 3.56 25.15 -17.37
C SER B 13 3.14 26.28 -16.45
N GLN B 14 2.01 26.91 -16.64
CA GLN B 14 1.52 27.95 -15.77
C GLN B 14 0.42 27.49 -14.81
N MET B 15 0.15 26.19 -14.72
CA MET B 15 -0.89 25.72 -13.78
C MET B 15 -0.20 25.32 -12.48
N PRO B 16 -0.86 25.51 -11.35
CA PRO B 16 -0.30 25.23 -10.05
C PRO B 16 0.28 23.85 -9.93
N GLN B 17 1.51 23.69 -9.47
CA GLN B 17 2.08 22.35 -9.30
C GLN B 17 2.50 22.18 -7.84
N SER B 18 2.34 20.99 -7.28
CA SER B 18 2.67 20.75 -5.89
C SER B 18 2.84 19.26 -5.62
N SER B 19 3.57 18.94 -4.56
CA SER B 19 3.68 17.56 -4.14
C SER B 19 2.42 17.19 -3.35
N TYR B 20 1.72 18.19 -2.82
CA TYR B 20 0.56 18.05 -1.95
C TYR B 20 0.89 17.20 -0.71
N GLY B 21 2.13 17.19 -0.25
CA GLY B 21 2.55 16.39 0.88
C GLY B 21 2.94 14.96 0.57
N ILE B 22 3.09 14.58 -0.70
CA ILE B 22 3.48 13.20 -1.02
C ILE B 22 4.95 13.26 -1.41
N GLU B 23 5.79 12.63 -0.60
CA GLU B 23 7.22 12.63 -0.80
C GLU B 23 7.60 12.22 -2.23
N GLY B 24 8.35 13.06 -2.93
CA GLY B 24 8.80 12.71 -4.28
C GLY B 24 7.80 12.87 -5.40
N LEU B 25 6.60 13.39 -5.16
CA LEU B 25 5.63 13.58 -6.22
C LEU B 25 5.53 15.04 -6.68
N SER B 26 5.23 15.23 -7.96
CA SER B 26 4.95 16.55 -8.51
C SER B 26 3.62 16.44 -9.27
N HIS B 27 2.56 17.17 -8.94
CA HIS B 27 1.29 17.00 -9.60
C HIS B 27 0.69 18.27 -10.18
N ILE B 28 0.11 18.13 -11.36
CA ILE B 28 -0.66 19.17 -12.00
C ILE B 28 -1.97 18.55 -12.48
N THR B 29 -3.09 19.18 -12.14
CA THR B 29 -4.31 18.77 -12.83
C THR B 29 -4.39 19.49 -14.16
N VAL B 30 -4.24 18.78 -15.28
CA VAL B 30 -4.25 19.39 -16.60
C VAL B 30 -5.62 19.85 -17.02
N ALA B 31 -6.63 19.01 -16.82
CA ALA B 31 -8.00 19.31 -17.16
C ALA B 31 -8.84 18.49 -16.16
N GLY B 32 -9.51 19.17 -15.23
CA GLY B 32 -10.26 18.44 -14.23
C GLY B 32 -11.66 18.98 -13.96
N ALA B 33 -12.35 18.20 -13.09
CA ALA B 33 -13.72 18.47 -12.73
C ALA B 33 -13.77 19.74 -11.86
N LEU B 34 -13.05 19.78 -10.78
CA LEU B 34 -13.15 20.97 -9.89
C LEU B 34 -12.45 22.21 -10.41
N ASN B 35 -11.32 22.02 -11.07
CA ASN B 35 -10.57 23.17 -11.56
C ASN B 35 -11.13 23.73 -12.85
N HIS B 36 -11.63 22.83 -13.75
CA HIS B 36 -12.01 23.30 -15.09
C HIS B 36 -13.39 22.97 -15.57
N GLY B 37 -14.22 22.36 -14.69
CA GLY B 37 -15.58 22.04 -15.14
C GLY B 37 -15.70 20.71 -15.89
N MET B 38 -14.73 19.82 -16.00
CA MET B 38 -14.93 18.58 -16.74
C MET B 38 -15.94 17.66 -16.02
N LYS B 39 -16.72 16.87 -16.77
CA LYS B 39 -17.67 15.98 -16.10
C LYS B 39 -17.45 14.49 -16.33
N GLU B 40 -16.68 14.16 -17.36
CA GLU B 40 -16.50 12.77 -17.76
C GLU B 40 -15.05 12.34 -17.92
N VAL B 41 -14.12 13.27 -18.04
CA VAL B 41 -12.70 12.90 -18.24
C VAL B 41 -11.86 13.85 -17.40
N GLU B 42 -10.85 13.35 -16.74
CA GLU B 42 -9.94 14.25 -16.01
C GLU B 42 -8.52 13.79 -16.34
N VAL B 43 -7.62 14.76 -16.48
CA VAL B 43 -6.23 14.52 -16.84
C VAL B 43 -5.23 15.09 -15.88
N TRP B 44 -4.30 14.26 -15.44
CA TRP B 44 -3.26 14.65 -14.53
C TRP B 44 -1.87 14.47 -15.20
N LEU B 45 -0.95 15.34 -14.80
CA LEU B 45 0.45 15.18 -15.18
C LEU B 45 1.21 15.03 -13.86
N GLN B 46 1.93 13.93 -13.71
CA GLN B 46 2.66 13.64 -12.50
C GLN B 46 4.07 13.13 -12.76
N THR B 47 5.00 13.59 -11.91
CA THR B 47 6.38 13.13 -11.93
C THR B 47 6.64 12.48 -10.57
N ILE B 48 7.24 11.32 -10.58
CA ILE B 48 7.55 10.59 -9.35
C ILE B 48 9.06 10.42 -9.27
N SER B 49 9.69 10.84 -8.19
CA SER B 49 11.15 10.67 -8.14
C SER B 49 11.61 9.25 -7.86
N PRO B 50 12.89 8.96 -8.18
CA PRO B 50 13.45 7.63 -8.10
C PRO B 50 13.20 6.97 -6.78
N GLY B 51 12.71 5.72 -6.86
CA GLY B 51 12.41 4.88 -5.71
C GLY B 51 11.10 5.23 -5.02
N GLN B 52 10.42 6.30 -5.42
CA GLN B 52 9.20 6.68 -4.73
C GLN B 52 7.98 5.97 -5.33
N ARG B 53 6.95 5.88 -4.48
CA ARG B 53 5.71 5.22 -4.87
C ARG B 53 4.44 6.02 -4.54
N THR B 54 3.37 5.75 -5.27
CA THR B 54 2.04 6.25 -4.93
C THR B 54 1.58 5.36 -3.76
N PRO B 55 0.62 5.77 -2.94
CA PRO B 55 0.04 4.86 -1.98
C PRO B 55 -0.59 3.66 -2.71
N ILE B 56 -0.85 2.57 -2.02
CA ILE B 56 -1.63 1.44 -2.49
C ILE B 56 -3.08 1.94 -2.43
N HIS B 57 -3.81 1.83 -3.56
CA HIS B 57 -5.13 2.38 -3.60
C HIS B 57 -6.04 1.80 -4.64
N ARG B 58 -7.33 2.15 -4.56
CA ARG B 58 -8.26 1.72 -5.60
C ARG B 58 -9.19 2.89 -5.92
N HIS B 59 -9.88 2.88 -7.07
CA HIS B 59 -10.84 3.94 -7.35
C HIS B 59 -11.84 3.43 -8.37
N SER B 60 -13.13 3.66 -8.08
CA SER B 60 -14.15 3.22 -9.02
C SER B 60 -14.28 4.10 -10.26
N CYS B 61 -13.35 3.94 -11.23
CA CYS B 61 -13.30 4.65 -12.47
C CYS B 61 -12.26 3.94 -13.41
N GLU B 62 -12.28 4.32 -14.69
CA GLU B 62 -11.25 3.83 -15.62
C GLU B 62 -10.07 4.78 -15.35
N GLU B 63 -8.87 4.22 -15.58
CA GLU B 63 -7.68 5.01 -15.31
C GLU B 63 -6.64 4.52 -16.34
N VAL B 64 -6.17 5.48 -17.15
CA VAL B 64 -5.19 5.04 -18.17
C VAL B 64 -3.92 5.87 -17.98
N PHE B 65 -2.80 5.18 -17.91
CA PHE B 65 -1.56 5.94 -17.80
C PHE B 65 -0.92 5.95 -19.19
N THR B 66 -0.11 7.00 -19.42
CA THR B 66 0.77 6.98 -20.60
C THR B 66 2.15 7.46 -20.12
N VAL B 67 3.22 6.71 -20.19
CA VAL B 67 4.55 7.10 -19.72
C VAL B 67 5.28 8.04 -20.71
N LEU B 68 5.47 9.27 -20.25
CA LEU B 68 6.16 10.27 -21.06
C LEU B 68 7.68 10.08 -20.93
N LYS B 69 8.14 9.85 -19.72
CA LYS B 69 9.57 9.70 -19.49
C LYS B 69 9.80 8.70 -18.36
N GLY B 70 10.87 7.91 -18.45
CA GLY B 70 11.24 7.06 -17.34
C GLY B 70 10.73 5.65 -17.43
N LYS B 71 10.96 4.93 -16.33
CA LYS B 71 10.55 3.56 -16.20
C LYS B 71 10.00 3.29 -14.79
N GLY B 72 9.32 2.15 -14.65
CA GLY B 72 8.78 1.82 -13.34
C GLY B 72 8.17 0.44 -13.28
N THR B 73 7.52 0.22 -12.11
CA THR B 73 6.85 -1.02 -11.86
C THR B 73 5.39 -0.79 -11.39
N LEU B 74 4.47 -1.48 -12.06
CA LEU B 74 3.05 -1.39 -11.71
C LEU B 74 2.77 -2.58 -10.78
N LEU B 75 2.24 -2.32 -9.60
CA LEU B 75 1.92 -3.40 -8.67
C LEU B 75 0.39 -3.56 -8.62
N MET B 76 -0.06 -4.77 -8.96
CA MET B 76 -1.48 -5.06 -9.05
C MET B 76 -1.87 -6.09 -7.99
N GLY B 77 -2.96 -5.77 -7.28
CA GLY B 77 -3.54 -6.69 -6.31
C GLY B 77 -4.87 -7.25 -6.80
N SER B 78 -5.50 -8.05 -5.93
CA SER B 78 -6.74 -8.72 -6.23
C SER B 78 -7.97 -7.99 -5.69
N SER B 79 -9.05 -7.90 -6.47
CA SER B 79 -10.26 -7.30 -5.87
C SER B 79 -11.18 -8.41 -5.36
N SER B 80 -10.88 -9.65 -5.64
CA SER B 80 -11.76 -10.75 -5.24
C SER B 80 -11.37 -11.39 -3.91
N LEU B 81 -10.11 -11.43 -3.49
CA LEU B 81 -9.80 -11.92 -2.15
C LEU B 81 -10.34 -10.86 -1.17
N LYS B 82 -10.22 -11.09 0.12
CA LYS B 82 -10.69 -10.11 1.12
C LYS B 82 -9.77 -8.90 1.22
N TYR B 83 -8.53 -9.07 0.77
CA TYR B 83 -7.56 -7.97 0.69
C TYR B 83 -6.80 -8.11 -0.63
N PRO B 84 -6.04 -7.09 -0.96
CA PRO B 84 -5.33 -7.12 -2.25
C PRO B 84 -4.39 -8.30 -2.36
N GLY B 85 -3.66 -8.63 -1.31
CA GLY B 85 -2.68 -9.70 -1.24
C GLY B 85 -1.36 -9.31 -1.92
N GLN B 86 -0.37 -10.20 -1.89
CA GLN B 86 0.91 -9.91 -2.52
C GLN B 86 0.73 -9.55 -3.98
N PRO B 87 1.26 -8.40 -4.40
CA PRO B 87 1.04 -7.90 -5.72
C PRO B 87 1.77 -8.59 -6.86
N GLN B 88 1.16 -8.59 -8.00
CA GLN B 88 1.84 -8.95 -9.25
C GLN B 88 2.75 -7.75 -9.56
N GLU B 89 3.92 -7.92 -10.16
CA GLU B 89 4.81 -6.82 -10.45
C GLU B 89 5.01 -6.73 -11.96
N ILE B 90 4.52 -5.69 -12.62
CA ILE B 90 4.60 -5.60 -14.07
C ILE B 90 5.43 -4.40 -14.46
N PRO B 91 6.51 -4.60 -15.20
CA PRO B 91 7.37 -3.51 -15.61
C PRO B 91 6.72 -2.65 -16.69
N PHE B 92 7.10 -1.38 -16.72
CA PHE B 92 6.62 -0.50 -17.78
C PHE B 92 7.79 0.43 -18.11
N PHE B 93 7.74 1.10 -19.26
CA PHE B 93 8.87 1.96 -19.66
C PHE B 93 8.38 3.08 -20.55
N GLN B 94 9.29 3.94 -21.06
CA GLN B 94 8.84 5.08 -21.82
C GLN B 94 7.97 4.68 -23.00
N ASN B 95 6.88 5.44 -23.16
CA ASN B 95 5.93 5.31 -24.25
C ASN B 95 5.06 4.06 -24.14
N THR B 96 4.85 3.57 -22.92
CA THR B 96 3.88 2.48 -22.78
C THR B 96 2.61 3.14 -22.18
N THR B 97 1.54 2.35 -22.20
CA THR B 97 0.26 2.79 -21.64
C THR B 97 -0.31 1.58 -20.89
N PHE B 98 -1.12 1.87 -19.85
CA PHE B 98 -1.72 0.71 -19.13
C PHE B 98 -3.03 1.19 -18.52
N SER B 99 -4.08 0.39 -18.68
CA SER B 99 -5.39 0.75 -18.10
C SER B 99 -5.62 -0.10 -16.86
N ILE B 100 -5.85 0.50 -15.72
CA ILE B 100 -6.07 -0.18 -14.45
C ILE B 100 -7.49 -0.71 -14.39
N PRO B 101 -7.68 -2.01 -14.30
CA PRO B 101 -9.03 -2.58 -14.25
C PRO B 101 -9.86 -1.79 -13.18
N VAL B 102 -11.07 -1.42 -13.59
CA VAL B 102 -11.89 -0.58 -12.72
C VAL B 102 -11.92 -1.13 -11.30
N ASN B 103 -11.55 -0.35 -10.32
CA ASN B 103 -11.60 -0.66 -8.89
C ASN B 103 -10.58 -1.62 -8.36
N ASP B 104 -9.62 -2.15 -9.15
CA ASP B 104 -8.59 -3.00 -8.61
C ASP B 104 -7.58 -2.21 -7.78
N PRO B 105 -7.03 -2.83 -6.74
CA PRO B 105 -6.05 -2.22 -5.87
C PRO B 105 -4.70 -2.23 -6.60
N HIS B 106 -4.01 -1.10 -6.57
CA HIS B 106 -2.73 -1.02 -7.30
C HIS B 106 -1.83 0.06 -6.72
N GLN B 107 -0.57 0.07 -7.19
CA GLN B 107 0.40 1.05 -6.74
C GLN B 107 1.42 1.29 -7.87
N VAL B 108 1.77 2.54 -8.07
CA VAL B 108 2.78 2.83 -9.14
C VAL B 108 4.07 3.17 -8.41
N TRP B 109 5.13 2.49 -8.80
CA TRP B 109 6.43 2.64 -8.21
C TRP B 109 7.48 3.00 -9.26
N ASN B 110 8.17 4.10 -9.02
CA ASN B 110 9.31 4.48 -9.86
C ASN B 110 10.46 3.63 -9.34
N SER B 111 10.64 2.44 -9.90
CA SER B 111 11.71 1.55 -9.50
C SER B 111 13.04 1.92 -10.14
N ASP B 112 13.11 2.99 -10.90
CA ASP B 112 14.40 3.32 -11.55
C ASP B 112 15.29 3.91 -10.47
N GLU B 113 16.60 3.70 -10.54
CA GLU B 113 17.52 4.28 -9.57
C GLU B 113 17.83 5.76 -9.80
N HIS B 114 17.94 6.11 -11.08
CA HIS B 114 18.38 7.46 -11.42
C HIS B 114 17.38 8.40 -12.05
N GLU B 115 16.41 7.96 -12.84
CA GLU B 115 15.59 8.98 -13.50
C GLU B 115 14.17 9.14 -12.99
N ASP B 116 13.69 10.38 -13.18
CA ASP B 116 12.34 10.72 -12.81
C ASP B 116 11.38 9.95 -13.74
N LEU B 117 10.23 9.66 -13.15
CA LEU B 117 9.17 8.99 -13.92
C LEU B 117 8.08 10.04 -14.14
N GLN B 118 7.77 10.30 -15.40
CA GLN B 118 6.73 11.28 -15.70
C GLN B 118 5.61 10.61 -16.50
N VAL B 119 4.38 10.77 -16.02
CA VAL B 119 3.23 10.15 -16.67
C VAL B 119 2.06 11.13 -16.82
N LEU B 120 1.25 10.80 -17.80
CA LEU B 120 -0.02 11.49 -18.01
C LEU B 120 -1.08 10.47 -17.59
N VAL B 121 -2.01 10.87 -16.73
CA VAL B 121 -2.98 9.92 -16.16
C VAL B 121 -4.38 10.46 -16.49
N ILE B 122 -5.21 9.61 -17.04
CA ILE B 122 -6.56 9.95 -17.51
C ILE B 122 -7.56 9.12 -16.72
N ILE B 123 -8.52 9.75 -16.07
CA ILE B 123 -9.54 8.99 -15.33
C ILE B 123 -10.92 9.34 -15.87
N SER B 124 -11.87 8.43 -15.70
CA SER B 124 -13.26 8.76 -16.01
C SER B 124 -13.87 9.13 -14.65
N ARG B 125 -15.16 9.48 -14.67
CA ARG B 125 -15.98 9.76 -13.50
C ARG B 125 -15.41 10.75 -12.50
N PRO B 126 -14.78 11.83 -12.93
CA PRO B 126 -14.10 12.74 -12.01
C PRO B 126 -15.03 13.54 -11.13
N PRO B 127 -14.53 13.98 -9.98
CA PRO B 127 -13.20 13.80 -9.51
C PRO B 127 -12.93 12.41 -8.95
N ALA B 128 -11.68 12.02 -8.72
CA ALA B 128 -11.37 10.69 -8.21
C ALA B 128 -11.88 10.46 -6.77
N LYS B 129 -12.35 9.24 -6.56
CA LYS B 129 -12.76 8.82 -5.20
C LYS B 129 -11.79 7.73 -4.79
N ILE B 130 -10.69 8.09 -4.13
CA ILE B 130 -9.64 7.12 -3.84
C ILE B 130 -9.70 6.52 -2.45
N PHE B 131 -9.62 5.19 -2.40
CA PHE B 131 -9.57 4.47 -1.15
C PHE B 131 -8.10 4.03 -0.97
N LEU B 132 -7.61 4.26 0.24
CA LEU B 132 -6.24 3.93 0.54
C LEU B 132 -6.00 2.71 1.40
N TYR B 133 -5.06 1.88 0.96
CA TYR B 133 -4.70 0.70 1.75
C TYR B 133 -3.40 0.96 2.50
N ASP B 134 -3.30 0.57 3.79
CA ASP B 134 -2.06 0.84 4.49
C ASP B 134 -1.00 -0.21 4.19
N ASP B 135 -1.34 -1.36 3.70
CA ASP B 135 -0.50 -2.47 3.32
C ASP B 135 -1.30 -3.36 2.35
N TRP B 136 -0.66 -4.35 1.74
CA TRP B 136 -1.29 -5.26 0.81
C TRP B 136 -2.23 -6.24 1.52
N SER B 137 -2.15 -6.36 2.85
CA SER B 137 -3.12 -7.29 3.47
C SER B 137 -4.23 -6.52 4.18
N MET B 138 -4.35 -5.22 3.97
CA MET B 138 -5.52 -4.48 4.53
C MET B 138 -6.78 -4.86 3.79
N PRO B 139 -7.83 -5.34 4.49
CA PRO B 139 -9.06 -5.73 3.86
C PRO B 139 -9.67 -4.62 3.02
N HIS B 140 -10.29 -4.98 1.88
CA HIS B 140 -10.96 -3.98 1.06
C HIS B 140 -11.98 -3.16 1.87
N THR B 141 -12.79 -3.80 2.74
CA THR B 141 -13.79 -3.04 3.50
C THR B 141 -13.23 -2.05 4.48
N ALA B 142 -11.95 -2.09 4.86
CA ALA B 142 -11.30 -1.23 5.77
C ALA B 142 -10.48 -0.14 5.07
N ALA B 143 -10.31 -0.28 3.75
CA ALA B 143 -9.47 0.79 3.13
C ALA B 143 -10.14 2.13 3.38
N VAL B 144 -9.36 3.19 3.51
CA VAL B 144 -9.98 4.48 3.86
C VAL B 144 -10.20 5.40 2.66
N LEU B 145 -11.41 5.92 2.59
CA LEU B 145 -11.73 6.86 1.52
C LEU B 145 -11.05 8.21 1.85
N LYS B 146 -10.39 8.77 0.84
CA LYS B 146 -9.79 10.12 1.10
C LYS B 146 -10.37 11.03 0.03
N PHE B 147 -11.51 11.59 0.29
CA PHE B 147 -12.23 12.43 -0.69
C PHE B 147 -12.74 13.70 -0.03
N PRO B 148 -12.42 14.87 -0.54
CA PRO B 148 -11.60 15.05 -1.75
C PRO B 148 -10.19 14.58 -1.58
N PHE B 149 -9.53 14.08 -2.65
CA PHE B 149 -8.14 13.72 -2.55
C PHE B 149 -7.31 15.01 -2.38
N VAL B 150 -6.03 14.86 -2.09
CA VAL B 150 -5.18 16.01 -1.76
C VAL B 150 -5.17 17.12 -2.78
N TRP B 151 -5.06 16.78 -4.08
CA TRP B 151 -5.09 17.82 -5.11
C TRP B 151 -6.46 18.39 -5.40
N ASP B 152 -7.55 17.97 -4.78
CA ASP B 152 -8.86 18.51 -4.98
C ASP B 152 -9.43 19.22 -3.70
N GLU B 153 -8.76 19.10 -2.60
CA GLU B 153 -9.25 19.69 -1.34
C GLU B 153 -9.60 21.17 -1.44
N ASP B 154 -8.67 21.96 -1.95
CA ASP B 154 -8.91 23.42 -1.98
C ASP B 154 -10.10 23.79 -2.84
N CYS B 155 -10.22 23.23 -4.04
CA CYS B 155 -11.38 23.58 -4.86
C CYS B 155 -12.66 22.89 -4.41
N PHE B 156 -12.54 21.75 -3.70
CA PHE B 156 -13.74 21.06 -3.26
C PHE B 156 -14.45 21.94 -2.23
N GLU B 157 -13.66 22.45 -1.28
CA GLU B 157 -14.18 23.31 -0.22
C GLU B 157 -14.71 24.62 -0.78
N ALA B 158 -13.99 25.24 -1.71
CA ALA B 158 -14.43 26.47 -2.35
C ALA B 158 -15.74 26.32 -3.12
N ALA B 159 -16.11 25.10 -3.53
CA ALA B 159 -17.34 24.87 -4.28
C ALA B 159 -18.56 25.22 -3.43
N SER C 1 -6.39 -2.80 -40.92
CA SER C 1 -6.51 -3.93 -39.98
C SER C 1 -7.24 -3.57 -38.68
N CYS C 2 -7.85 -4.57 -38.07
CA CYS C 2 -8.32 -4.39 -36.70
C CYS C 2 -7.34 -5.10 -35.77
N VAL C 3 -6.58 -4.40 -34.95
CA VAL C 3 -5.67 -5.03 -34.00
C VAL C 3 -6.24 -4.98 -32.59
N ARG C 4 -6.80 -6.10 -32.17
CA ARG C 4 -7.39 -6.15 -30.80
C ARG C 4 -6.29 -6.54 -29.83
N ASP C 5 -6.30 -5.90 -28.65
CA ASP C 5 -5.30 -6.21 -27.64
C ASP C 5 -5.71 -5.70 -26.27
N ASN C 6 -6.03 -6.64 -25.36
CA ASN C 6 -6.38 -6.18 -23.99
C ASN C 6 -5.24 -6.30 -23.02
N SER C 7 -3.99 -6.48 -23.50
CA SER C 7 -2.83 -6.64 -22.63
C SER C 7 -2.68 -5.40 -21.71
N LEU C 8 -2.27 -5.67 -20.48
CA LEU C 8 -2.21 -4.62 -19.47
C LEU C 8 -1.20 -3.53 -19.88
N VAL C 9 0.07 -3.89 -20.09
CA VAL C 9 1.03 -2.81 -20.46
C VAL C 9 1.31 -2.92 -21.97
N ARG C 10 1.08 -1.85 -22.73
CA ARG C 10 1.28 -1.93 -24.17
C ARG C 10 2.26 -0.84 -24.65
N ASP C 11 3.16 -1.19 -25.58
CA ASP C 11 4.13 -0.19 -26.08
C ASP C 11 3.52 0.58 -27.22
N ILE C 12 3.27 1.89 -27.03
CA ILE C 12 2.63 2.71 -28.05
C ILE C 12 3.40 2.73 -29.39
N SER C 13 4.73 2.61 -29.36
CA SER C 13 5.55 2.55 -30.56
C SER C 13 5.29 1.29 -31.36
N GLN C 14 4.72 0.24 -30.78
CA GLN C 14 4.42 -0.96 -31.58
C GLN C 14 2.97 -1.07 -32.04
N MET C 15 2.13 -0.08 -31.71
CA MET C 15 0.73 -0.08 -32.12
C MET C 15 0.62 0.42 -33.56
N PRO C 16 -0.32 -0.09 -34.31
CA PRO C 16 -0.51 0.25 -35.71
C PRO C 16 -0.66 1.75 -35.91
N GLN C 17 0.04 2.38 -36.80
CA GLN C 17 -0.07 3.81 -37.07
C GLN C 17 -0.46 4.04 -38.52
N SER C 18 -1.41 4.91 -38.84
CA SER C 18 -1.82 5.17 -40.22
C SER C 18 -2.38 6.59 -40.36
N SER C 19 -2.34 7.11 -41.57
CA SER C 19 -3.02 8.35 -41.90
C SER C 19 -4.52 8.07 -42.11
N TYR C 20 -4.91 6.82 -42.40
CA TYR C 20 -6.27 6.44 -42.74
C TYR C 20 -6.76 7.20 -43.98
N GLY C 21 -5.83 7.53 -44.89
CA GLY C 21 -6.14 8.27 -46.10
C GLY C 21 -6.31 9.77 -45.92
N ILE C 22 -6.20 10.24 -44.68
CA ILE C 22 -6.29 11.64 -44.36
C ILE C 22 -4.91 12.30 -44.53
N GLU C 23 -4.74 13.12 -45.55
CA GLU C 23 -3.49 13.78 -45.83
C GLU C 23 -2.75 14.40 -44.65
N GLY C 24 -1.52 13.99 -44.38
CA GLY C 24 -0.75 14.64 -43.33
C GLY C 24 -1.09 14.21 -41.90
N LEU C 25 -2.00 13.26 -41.72
CA LEU C 25 -2.32 12.77 -40.38
C LEU C 25 -1.50 11.50 -40.10
N SER C 26 -1.15 11.31 -38.83
CA SER C 26 -0.56 10.07 -38.40
C SER C 26 -1.30 9.73 -37.08
N HIS C 27 -2.02 8.64 -37.07
CA HIS C 27 -2.86 8.29 -35.91
C HIS C 27 -2.55 6.94 -35.32
N ILE C 28 -2.60 6.86 -33.98
CA ILE C 28 -2.50 5.63 -33.25
C ILE C 28 -3.62 5.70 -32.16
N THR C 29 -4.41 4.64 -32.05
CA THR C 29 -5.32 4.62 -30.91
C THR C 29 -4.54 4.03 -29.75
N VAL C 30 -4.23 4.82 -28.75
CA VAL C 30 -3.39 4.39 -27.63
C VAL C 30 -4.17 3.44 -26.73
N ALA C 31 -5.41 3.86 -26.43
CA ALA C 31 -6.22 2.93 -25.60
C ALA C 31 -7.67 3.23 -26.00
N GLY C 32 -8.33 2.33 -26.72
CA GLY C 32 -9.69 2.65 -27.13
C GLY C 32 -10.72 1.56 -26.90
N ALA C 33 -11.92 1.91 -27.31
CA ALA C 33 -13.08 1.00 -27.14
C ALA C 33 -12.96 -0.28 -27.97
N LEU C 34 -13.10 -0.16 -29.28
CA LEU C 34 -13.05 -1.37 -30.15
C LEU C 34 -11.73 -2.12 -30.17
N ASN C 35 -10.56 -1.50 -30.01
CA ASN C 35 -9.29 -2.19 -30.01
C ASN C 35 -8.93 -2.81 -28.66
N HIS C 36 -9.25 -2.06 -27.56
CA HIS C 36 -8.70 -2.54 -26.29
C HIS C 36 -9.75 -2.78 -25.22
N GLY C 37 -11.02 -2.61 -25.45
CA GLY C 37 -12.06 -2.82 -24.43
C GLY C 37 -12.31 -1.61 -23.52
N MET C 38 -11.81 -0.41 -23.78
CA MET C 38 -12.19 0.73 -22.92
C MET C 38 -13.68 1.03 -23.07
N LYS C 39 -14.34 1.60 -22.05
CA LYS C 39 -15.76 1.92 -22.18
C LYS C 39 -16.10 3.37 -21.86
N GLU C 40 -15.16 4.10 -21.25
CA GLU C 40 -15.43 5.42 -20.71
C GLU C 40 -14.42 6.46 -21.19
N VAL C 41 -13.20 6.06 -21.50
CA VAL C 41 -12.26 7.07 -22.03
C VAL C 41 -11.54 6.39 -23.21
N GLU C 42 -11.14 7.21 -24.19
CA GLU C 42 -10.39 6.63 -25.31
C GLU C 42 -9.30 7.65 -25.66
N VAL C 43 -8.08 7.14 -25.84
CA VAL C 43 -6.93 8.03 -26.01
C VAL C 43 -6.30 7.83 -27.41
N TRP C 44 -6.08 8.97 -28.08
CA TRP C 44 -5.44 8.93 -29.38
C TRP C 44 -4.10 9.64 -29.34
N LEU C 45 -3.15 9.18 -30.13
CA LEU C 45 -1.91 9.97 -30.30
C LEU C 45 -1.96 10.43 -31.76
N GLN C 46 -1.89 11.73 -32.06
CA GLN C 46 -1.97 12.12 -33.47
C GLN C 46 -0.85 13.11 -33.81
N THR C 47 -0.27 12.96 -34.99
CA THR C 47 0.68 13.97 -35.49
C THR C 47 0.04 14.53 -36.77
N ILE C 48 0.06 15.84 -36.96
CA ILE C 48 -0.55 16.56 -38.05
C ILE C 48 0.49 17.38 -38.81
N SER C 49 0.58 17.18 -40.12
CA SER C 49 1.69 17.93 -40.81
C SER C 49 1.34 19.38 -41.04
N PRO C 50 2.32 20.22 -41.37
CA PRO C 50 2.15 21.66 -41.51
C PRO C 50 1.09 22.05 -42.50
N GLY C 51 0.22 22.99 -42.12
CA GLY C 51 -0.86 23.42 -43.01
C GLY C 51 -2.11 22.58 -42.90
N GLN C 52 -2.03 21.34 -42.35
CA GLN C 52 -3.20 20.48 -42.33
C GLN C 52 -4.26 20.82 -41.28
N ARG C 53 -5.51 20.54 -41.63
CA ARG C 53 -6.64 20.83 -40.74
C ARG C 53 -7.61 19.64 -40.66
N THR C 54 -8.06 19.34 -39.45
CA THR C 54 -9.11 18.33 -39.31
C THR C 54 -10.32 18.89 -40.03
N PRO C 55 -11.31 18.07 -40.32
CA PRO C 55 -12.57 18.59 -40.83
C PRO C 55 -13.25 19.45 -39.76
N ILE C 56 -14.27 20.18 -40.11
CA ILE C 56 -15.10 20.96 -39.20
C ILE C 56 -16.12 19.93 -38.67
N HIS C 57 -16.11 19.72 -37.37
CA HIS C 57 -16.96 18.65 -36.83
C HIS C 57 -17.40 18.85 -35.40
N ARG C 58 -18.37 18.04 -34.97
CA ARG C 58 -18.79 18.03 -33.57
C ARG C 58 -18.90 16.56 -33.14
N HIS C 59 -19.04 16.31 -31.86
CA HIS C 59 -19.24 14.96 -31.34
C HIS C 59 -19.87 15.11 -29.96
N SER C 60 -20.77 14.20 -29.59
CA SER C 60 -21.43 14.34 -28.28
C SER C 60 -20.61 13.58 -27.23
N CYS C 61 -19.52 14.23 -26.80
CA CYS C 61 -18.61 13.68 -25.81
C CYS C 61 -17.67 14.83 -25.44
N GLU C 62 -16.94 14.67 -24.36
CA GLU C 62 -15.91 15.60 -23.95
C GLU C 62 -14.66 15.22 -24.75
N GLU C 63 -13.81 16.22 -24.95
CA GLU C 63 -12.61 15.94 -25.75
C GLU C 63 -11.50 16.83 -25.24
N VAL C 64 -10.42 16.32 -24.70
CA VAL C 64 -9.32 17.07 -24.16
C VAL C 64 -8.08 16.89 -25.06
N PHE C 65 -7.47 18.04 -25.43
CA PHE C 65 -6.25 17.93 -26.22
C PHE C 65 -5.07 18.32 -25.33
N THR C 66 -3.91 17.74 -25.48
CA THR C 66 -2.69 18.10 -24.79
C THR C 66 -1.58 18.15 -25.89
N VAL C 67 -0.99 19.34 -26.00
CA VAL C 67 -0.04 19.51 -27.11
C VAL C 67 1.35 19.01 -26.74
N LEU C 68 1.79 17.92 -27.38
CA LEU C 68 3.11 17.39 -27.02
C LEU C 68 4.26 18.08 -27.75
N LYS C 69 4.03 18.46 -28.98
CA LYS C 69 5.07 19.12 -29.79
C LYS C 69 4.39 20.07 -30.76
N GLY C 70 5.00 21.20 -31.11
CA GLY C 70 4.45 22.07 -32.10
C GLY C 70 3.37 23.02 -31.62
N LYS C 71 2.73 23.65 -32.57
CA LYS C 71 1.80 24.73 -32.40
C LYS C 71 0.65 24.64 -33.39
N GLY C 72 -0.37 25.47 -33.14
CA GLY C 72 -1.46 25.46 -34.10
C GLY C 72 -2.52 26.50 -33.72
N THR C 73 -3.65 26.33 -34.40
CA THR C 73 -4.81 27.15 -34.20
C THR C 73 -6.06 26.30 -34.04
N LEU C 74 -6.80 26.63 -32.99
CA LEU C 74 -8.08 25.97 -32.72
C LEU C 74 -9.19 26.89 -33.23
N LEU C 75 -10.13 26.36 -33.98
CA LEU C 75 -11.26 27.14 -34.51
C LEU C 75 -12.51 26.62 -33.81
N MET C 76 -13.24 27.53 -33.17
CA MET C 76 -14.42 27.11 -32.40
C MET C 76 -15.66 27.81 -32.97
N GLY C 77 -16.74 27.06 -33.10
CA GLY C 77 -18.01 27.68 -33.56
C GLY C 77 -19.04 27.55 -32.44
N SER C 78 -20.28 27.95 -32.70
CA SER C 78 -21.33 27.88 -31.68
C SER C 78 -22.24 26.69 -31.88
N SER C 79 -22.72 26.08 -30.79
CA SER C 79 -23.66 24.97 -30.91
C SER C 79 -25.06 25.54 -30.60
N SER C 80 -25.12 26.84 -30.38
CA SER C 80 -26.33 27.56 -30.04
C SER C 80 -27.09 28.11 -31.24
N LEU C 81 -26.44 28.80 -32.17
CA LEU C 81 -27.09 29.27 -33.40
C LEU C 81 -27.69 28.05 -34.12
N LYS C 82 -28.23 28.16 -35.34
CA LYS C 82 -28.74 26.97 -36.01
C LYS C 82 -27.59 26.36 -36.82
N TYR C 83 -26.51 27.11 -36.95
CA TYR C 83 -25.28 26.73 -37.63
C TYR C 83 -24.09 27.24 -36.83
N PRO C 84 -22.91 26.70 -37.08
CA PRO C 84 -21.72 27.07 -36.35
C PRO C 84 -21.41 28.55 -36.43
N GLY C 85 -21.59 29.19 -37.58
CA GLY C 85 -21.28 30.62 -37.72
C GLY C 85 -19.77 30.81 -37.87
N GLN C 86 -19.29 32.00 -38.20
CA GLN C 86 -17.87 32.29 -38.26
C GLN C 86 -17.22 31.96 -36.92
N PRO C 87 -16.12 31.21 -36.96
CA PRO C 87 -15.51 30.72 -35.72
C PRO C 87 -14.53 31.66 -35.07
N GLN C 88 -14.21 31.44 -33.81
CA GLN C 88 -13.15 32.21 -33.18
C GLN C 88 -11.87 31.38 -33.47
N GLU C 89 -10.75 32.03 -33.68
CA GLU C 89 -9.49 31.32 -33.89
C GLU C 89 -8.66 31.55 -32.62
N ILE C 90 -8.15 30.49 -32.01
CA ILE C 90 -7.39 30.63 -30.76
C ILE C 90 -6.07 29.91 -30.97
N PRO C 91 -4.96 30.62 -30.84
CA PRO C 91 -3.66 29.99 -30.98
C PRO C 91 -3.39 29.03 -29.85
N PHE C 92 -2.63 27.96 -30.12
CA PHE C 92 -2.15 27.08 -29.06
C PHE C 92 -0.69 26.72 -29.39
N PHE C 93 0.02 26.24 -28.38
CA PHE C 93 1.45 25.95 -28.56
C PHE C 93 1.89 24.79 -27.69
N GLN C 94 3.16 24.40 -27.72
CA GLN C 94 3.58 23.22 -26.96
C GLN C 94 3.27 23.32 -25.49
N ASN C 95 2.81 22.22 -24.84
CA ASN C 95 2.52 22.25 -23.43
C ASN C 95 1.29 23.13 -23.07
N THR C 96 0.34 23.19 -23.98
CA THR C 96 -0.95 23.79 -23.73
C THR C 96 -1.97 22.65 -23.72
N THR C 97 -3.18 22.95 -23.25
CA THR C 97 -4.24 21.92 -23.34
C THR C 97 -5.54 22.70 -23.59
N PHE C 98 -6.56 22.07 -24.18
CA PHE C 98 -7.84 22.70 -24.41
C PHE C 98 -8.90 21.60 -24.35
N SER C 99 -10.05 21.89 -23.74
CA SER C 99 -11.08 20.83 -23.73
C SER C 99 -12.25 21.32 -24.55
N ILE C 100 -12.78 20.57 -25.52
CA ILE C 100 -13.88 21.02 -26.36
C ILE C 100 -15.22 20.75 -25.70
N PRO C 101 -16.01 21.75 -25.38
CA PRO C 101 -17.33 21.58 -24.81
C PRO C 101 -18.14 20.64 -25.68
N VAL C 102 -18.91 19.77 -25.08
CA VAL C 102 -19.72 18.72 -25.69
C VAL C 102 -20.54 19.30 -26.82
N ASN C 103 -20.37 18.76 -28.04
CA ASN C 103 -21.16 19.16 -29.18
C ASN C 103 -20.77 20.43 -29.92
N ASP C 104 -19.77 21.16 -29.45
CA ASP C 104 -19.39 22.40 -30.12
C ASP C 104 -18.71 22.05 -31.43
N PRO C 105 -19.09 22.73 -32.50
CA PRO C 105 -18.48 22.49 -33.81
C PRO C 105 -17.08 23.09 -33.73
N HIS C 106 -16.05 22.40 -34.23
CA HIS C 106 -14.70 22.89 -34.10
C HIS C 106 -13.74 22.27 -35.12
N GLN C 107 -12.57 22.89 -35.26
CA GLN C 107 -11.59 22.38 -36.25
C GLN C 107 -10.21 22.59 -35.68
N VAL C 108 -9.27 21.68 -35.85
CA VAL C 108 -7.91 21.89 -35.31
C VAL C 108 -7.04 22.05 -36.55
N TRP C 109 -6.21 23.09 -36.60
CA TRP C 109 -5.40 23.37 -37.80
C TRP C 109 -3.94 23.51 -37.45
N ASN C 110 -3.07 22.79 -38.19
CA ASN C 110 -1.65 22.95 -37.87
C ASN C 110 -1.28 24.21 -38.69
N SER C 111 -1.37 25.38 -38.06
CA SER C 111 -1.05 26.59 -38.83
C SER C 111 0.45 26.84 -38.95
N ASP C 112 1.33 26.03 -38.37
CA ASP C 112 2.76 26.30 -38.48
C ASP C 112 3.18 25.95 -39.91
N GLU C 113 4.14 26.65 -40.50
CA GLU C 113 4.51 26.35 -41.88
C GLU C 113 5.63 25.33 -41.98
N HIS C 114 6.25 24.99 -40.87
CA HIS C 114 7.40 24.09 -40.89
C HIS C 114 7.33 22.89 -39.97
N GLU C 115 6.75 23.00 -38.78
CA GLU C 115 6.83 21.88 -37.84
C GLU C 115 5.53 21.13 -37.60
N ASP C 116 5.71 19.83 -37.52
CA ASP C 116 4.60 18.91 -37.28
C ASP C 116 4.01 19.22 -35.90
N LEU C 117 2.71 18.99 -35.78
CA LEU C 117 2.04 19.18 -34.49
C LEU C 117 1.70 17.78 -33.91
N GLN C 118 2.05 17.49 -32.68
CA GLN C 118 1.67 16.20 -32.10
C GLN C 118 0.84 16.43 -30.84
N VAL C 119 -0.36 15.79 -30.81
CA VAL C 119 -1.21 15.95 -29.63
C VAL C 119 -1.66 14.59 -29.08
N LEU C 120 -2.03 14.57 -27.80
CA LEU C 120 -2.67 13.39 -27.22
C LEU C 120 -4.12 13.84 -27.07
N VAL C 121 -5.09 13.06 -27.54
CA VAL C 121 -6.46 13.49 -27.51
C VAL C 121 -7.22 12.45 -26.67
N ILE C 122 -8.10 12.92 -25.78
CA ILE C 122 -8.84 12.04 -24.90
C ILE C 122 -10.32 12.37 -25.11
N ILE C 123 -11.11 11.30 -25.24
CA ILE C 123 -12.53 11.47 -25.42
C ILE C 123 -13.27 10.58 -24.42
N SER C 124 -14.49 11.01 -24.09
CA SER C 124 -15.33 10.21 -23.23
C SER C 124 -16.30 9.47 -24.17
N ARG C 125 -17.08 8.55 -23.57
CA ARG C 125 -18.08 7.78 -24.29
C ARG C 125 -17.62 7.25 -25.64
N PRO C 126 -16.55 6.45 -25.67
CA PRO C 126 -16.06 5.96 -26.95
C PRO C 126 -16.87 4.79 -27.45
N PRO C 127 -16.79 4.47 -28.75
CA PRO C 127 -15.99 5.16 -29.72
C PRO C 127 -16.60 6.47 -30.20
N ALA C 128 -15.83 7.38 -30.78
CA ALA C 128 -16.24 8.64 -31.33
C ALA C 128 -17.38 8.54 -32.34
N LYS C 129 -18.36 9.43 -32.17
CA LYS C 129 -19.51 9.59 -33.05
C LYS C 129 -19.40 11.01 -33.63
N ILE C 130 -18.65 11.17 -34.70
CA ILE C 130 -18.37 12.47 -35.29
C ILE C 130 -19.30 12.84 -36.44
N PHE C 131 -19.83 14.08 -36.37
CA PHE C 131 -20.66 14.65 -37.43
C PHE C 131 -19.79 15.65 -38.22
N LEU C 132 -19.91 15.66 -39.54
CA LEU C 132 -19.06 16.49 -40.36
C LEU C 132 -19.78 17.67 -41.01
N TYR C 133 -19.17 18.85 -40.91
CA TYR C 133 -19.78 20.04 -41.50
C TYR C 133 -18.97 20.37 -42.76
N ASP C 134 -19.68 20.76 -43.83
CA ASP C 134 -18.89 21.09 -45.03
C ASP C 134 -18.34 22.51 -44.88
N ASP C 135 -18.99 23.36 -44.10
CA ASP C 135 -18.45 24.68 -43.83
C ASP C 135 -19.11 25.21 -42.57
N TRP C 136 -18.72 26.43 -42.17
CA TRP C 136 -19.24 27.02 -40.94
C TRP C 136 -20.69 27.42 -41.05
N SER C 137 -21.23 27.50 -42.27
CA SER C 137 -22.62 27.87 -42.43
C SER C 137 -23.56 26.69 -42.55
N MET C 138 -23.09 25.44 -42.53
CA MET C 138 -24.02 24.31 -42.63
C MET C 138 -24.77 24.15 -41.32
N PRO C 139 -26.09 24.05 -41.37
CA PRO C 139 -26.91 23.92 -40.19
C PRO C 139 -26.53 22.65 -39.44
N HIS C 140 -26.65 22.69 -38.12
CA HIS C 140 -26.32 21.55 -37.27
C HIS C 140 -27.10 20.30 -37.63
N THR C 141 -28.38 20.49 -38.01
CA THR C 141 -29.23 19.37 -38.41
C THR C 141 -28.82 18.79 -39.76
N ALA C 142 -27.96 19.46 -40.52
CA ALA C 142 -27.46 18.99 -41.81
C ALA C 142 -26.09 18.31 -41.75
N ALA C 143 -25.38 18.49 -40.64
CA ALA C 143 -24.08 17.83 -40.46
C ALA C 143 -24.30 16.31 -40.59
N VAL C 144 -23.40 15.63 -41.24
CA VAL C 144 -23.40 14.23 -41.59
C VAL C 144 -22.59 13.36 -40.66
N LEU C 145 -23.25 12.40 -40.03
CA LEU C 145 -22.60 11.45 -39.13
C LEU C 145 -21.66 10.52 -39.88
N LYS C 146 -20.48 10.32 -39.36
CA LYS C 146 -19.48 9.43 -40.02
C LYS C 146 -19.07 8.40 -38.98
N PHE C 147 -19.91 7.39 -38.81
CA PHE C 147 -19.62 6.36 -37.78
C PHE C 147 -19.75 5.00 -38.43
N PRO C 148 -18.77 4.13 -38.31
CA PRO C 148 -17.54 4.40 -37.61
C PRO C 148 -16.65 5.44 -38.25
N PHE C 149 -15.81 6.13 -37.46
CA PHE C 149 -14.87 7.08 -38.08
C PHE C 149 -13.75 6.25 -38.71
N VAL C 150 -12.85 6.85 -39.51
CA VAL C 150 -11.86 6.06 -40.23
C VAL C 150 -11.04 5.09 -39.42
N TRP C 151 -10.58 5.48 -38.24
CA TRP C 151 -9.75 4.64 -37.38
C TRP C 151 -10.55 3.54 -36.65
N ASP C 152 -11.87 3.46 -36.78
CA ASP C 152 -12.64 2.41 -36.15
C ASP C 152 -13.32 1.53 -37.20
N GLU C 153 -13.22 1.84 -38.48
CA GLU C 153 -13.89 1.05 -39.52
C GLU C 153 -13.66 -0.44 -39.51
N ASP C 154 -12.39 -0.82 -39.47
CA ASP C 154 -12.02 -2.22 -39.48
C ASP C 154 -12.49 -2.98 -38.26
N CYS C 155 -12.27 -2.43 -37.05
CA CYS C 155 -12.76 -3.11 -35.85
C CYS C 155 -14.29 -3.07 -35.74
N PHE C 156 -14.91 -1.97 -36.17
CA PHE C 156 -16.38 -1.95 -36.14
C PHE C 156 -16.97 -3.06 -37.03
N GLU C 157 -16.45 -3.20 -38.23
CA GLU C 157 -16.90 -4.18 -39.19
C GLU C 157 -16.65 -5.61 -38.72
N ALA C 158 -15.57 -5.87 -37.99
CA ALA C 158 -15.26 -7.19 -37.46
C ALA C 158 -16.05 -7.54 -36.21
N ALA C 159 -16.65 -6.58 -35.52
CA ALA C 159 -17.40 -6.87 -34.30
C ALA C 159 -18.87 -7.10 -34.56
N LYS C 160 -19.30 -6.93 -35.81
CA LYS C 160 -20.69 -7.16 -36.17
C LYS C 160 -21.04 -8.62 -35.91
N SER D 1 -11.93 3.61 26.98
CA SER D 1 -10.92 4.70 26.90
C SER D 1 -9.80 4.31 25.92
N CYS D 2 -9.15 5.32 25.35
CA CYS D 2 -7.95 5.04 24.54
C CYS D 2 -6.77 5.60 25.36
N VAL D 3 -5.84 4.83 25.84
CA VAL D 3 -4.73 5.41 26.59
C VAL D 3 -3.49 5.31 25.68
N ARG D 4 -3.11 6.47 25.18
CA ARG D 4 -1.90 6.51 24.33
C ARG D 4 -0.71 6.64 25.24
N ASP D 5 0.43 6.03 24.82
CA ASP D 5 1.66 6.24 25.59
C ASP D 5 2.85 5.74 24.78
N ASN D 6 3.73 6.63 24.33
CA ASN D 6 4.94 6.15 23.60
C ASN D 6 6.18 6.12 24.49
N SER D 7 5.99 6.20 25.79
CA SER D 7 7.07 6.22 26.78
C SER D 7 7.91 4.94 26.59
N LEU D 8 9.23 5.14 26.69
CA LEU D 8 10.10 3.98 26.44
C LEU D 8 9.86 2.84 27.43
N VAL D 9 9.91 3.06 28.75
CA VAL D 9 9.67 1.92 29.65
C VAL D 9 8.29 2.08 30.27
N ARG D 10 7.42 1.08 30.15
CA ARG D 10 6.07 1.24 30.65
C ARG D 10 5.75 0.09 31.60
N ASP D 11 5.01 0.44 32.65
CA ASP D 11 4.63 -0.56 33.65
C ASP D 11 3.30 -1.22 33.27
N ILE D 12 3.36 -2.50 32.90
CA ILE D 12 2.24 -3.34 32.50
C ILE D 12 1.19 -3.37 33.62
N SER D 13 1.58 -3.38 34.88
CA SER D 13 0.66 -3.41 36.01
C SER D 13 -0.24 -2.18 36.07
N GLN D 14 0.11 -1.07 35.46
CA GLN D 14 -0.66 0.14 35.45
C GLN D 14 -1.39 0.41 34.16
N MET D 15 -1.23 -0.46 33.15
CA MET D 15 -1.91 -0.21 31.87
C MET D 15 -3.37 -0.61 32.01
N PRO D 16 -4.24 0.04 31.27
CA PRO D 16 -5.67 -0.25 31.26
C PRO D 16 -5.97 -1.71 31.06
N GLN D 17 -6.77 -2.35 31.91
CA GLN D 17 -7.12 -3.74 31.73
C GLN D 17 -8.64 -3.93 31.61
N SER D 18 -9.14 -4.64 30.64
CA SER D 18 -10.60 -4.82 30.56
C SER D 18 -10.99 -6.14 29.97
N SER D 19 -12.23 -6.58 30.20
CA SER D 19 -12.73 -7.78 29.52
C SER D 19 -13.28 -7.34 28.18
N TYR D 20 -13.51 -6.04 27.97
CA TYR D 20 -14.12 -5.47 26.79
C TYR D 20 -15.44 -6.18 26.51
N GLY D 21 -16.17 -6.54 27.59
CA GLY D 21 -17.41 -7.26 27.40
C GLY D 21 -17.34 -8.72 27.04
N ILE D 22 -16.17 -9.32 26.92
CA ILE D 22 -16.01 -10.72 26.64
C ILE D 22 -15.99 -11.44 27.99
N GLU D 23 -17.06 -12.18 28.32
CA GLU D 23 -17.09 -12.82 29.62
C GLU D 23 -15.87 -13.69 29.94
N GLY D 24 -15.29 -13.47 31.12
CA GLY D 24 -14.17 -14.26 31.62
C GLY D 24 -12.80 -13.89 31.05
N LEU D 25 -12.77 -12.89 30.18
CA LEU D 25 -11.47 -12.44 29.63
C LEU D 25 -10.93 -11.25 30.39
N SER D 26 -9.61 -11.12 30.44
CA SER D 26 -8.93 -9.98 30.98
C SER D 26 -7.82 -9.62 29.92
N HIS D 27 -7.87 -8.42 29.40
CA HIS D 27 -6.92 -8.05 28.35
C HIS D 27 -6.15 -6.77 28.62
N ILE D 28 -4.85 -6.81 28.33
CA ILE D 28 -4.01 -5.61 28.34
C ILE D 28 -3.21 -5.59 26.99
N THR D 29 -3.25 -4.47 26.28
CA THR D 29 -2.30 -4.42 25.13
C THR D 29 -0.95 -4.01 25.68
N VAL D 30 0.04 -4.88 25.75
CA VAL D 30 1.33 -4.51 26.37
C VAL D 30 2.11 -3.52 25.50
N ALA D 31 2.14 -3.79 24.19
CA ALA D 31 2.90 -2.94 23.26
C ALA D 31 2.16 -3.01 21.92
N GLY D 32 1.48 -1.94 21.53
CA GLY D 32 0.67 -2.06 20.34
C GLY D 32 0.72 -0.88 19.38
N ALA D 33 0.11 -1.13 18.23
CA ALA D 33 0.11 -0.15 17.16
C ALA D 33 -0.60 1.15 17.56
N LEU D 34 -1.89 1.03 17.87
CA LEU D 34 -2.72 2.21 18.11
C LEU D 34 -2.41 2.82 19.45
N ASN D 35 -2.09 2.00 20.46
CA ASN D 35 -1.85 2.66 21.75
C ASN D 35 -0.46 3.28 21.85
N HIS D 36 0.54 2.55 21.29
CA HIS D 36 1.92 2.92 21.59
C HIS D 36 2.82 3.21 20.38
N GLY D 37 2.34 3.06 19.17
CA GLY D 37 3.09 3.43 17.97
C GLY D 37 3.84 2.27 17.33
N MET D 38 3.66 1.03 17.77
CA MET D 38 4.32 -0.09 17.08
C MET D 38 3.91 -0.20 15.63
N LYS D 39 4.79 -0.74 14.76
CA LYS D 39 4.48 -0.82 13.34
C LYS D 39 4.56 -2.24 12.82
N GLU D 40 5.28 -3.12 13.48
CA GLU D 40 5.51 -4.47 12.98
C GLU D 40 5.20 -5.61 13.95
N VAL D 41 5.14 -5.29 15.24
CA VAL D 41 4.82 -6.32 16.21
C VAL D 41 3.83 -5.71 17.24
N GLU D 42 3.03 -6.58 17.84
CA GLU D 42 2.14 -6.08 18.91
C GLU D 42 2.01 -7.21 19.92
N VAL D 43 2.06 -6.91 21.19
CA VAL D 43 2.03 -7.86 22.27
C VAL D 43 0.79 -7.64 23.13
N TRP D 44 0.06 -8.72 23.37
CA TRP D 44 -1.06 -8.68 24.33
C TRP D 44 -0.80 -9.58 25.52
N LEU D 45 -1.36 -9.26 26.69
CA LEU D 45 -1.33 -10.14 27.83
C LEU D 45 -2.79 -10.48 28.13
N GLN D 46 -3.16 -11.76 28.18
CA GLN D 46 -4.57 -12.09 28.35
C GLN D 46 -4.75 -13.17 29.40
N THR D 47 -5.80 -13.01 30.21
CA THR D 47 -6.16 -14.10 31.13
C THR D 47 -7.54 -14.57 30.71
N ILE D 48 -7.72 -15.89 30.65
CA ILE D 48 -8.97 -16.52 30.18
C ILE D 48 -9.53 -17.43 31.29
N SER D 49 -10.74 -17.21 31.82
CA SER D 49 -11.20 -18.00 32.94
C SER D 49 -11.61 -19.42 32.55
N PRO D 50 -11.71 -20.28 33.56
CA PRO D 50 -11.99 -21.69 33.36
C PRO D 50 -13.17 -21.92 32.48
N GLY D 51 -13.02 -22.81 31.51
CA GLY D 51 -14.05 -23.20 30.57
C GLY D 51 -14.34 -22.19 29.45
N GLN D 52 -13.72 -21.01 29.44
CA GLN D 52 -14.03 -20.04 28.39
C GLN D 52 -13.26 -20.33 27.10
N ARG D 53 -13.80 -19.87 25.99
CA ARG D 53 -13.18 -20.04 24.67
C ARG D 53 -13.15 -18.71 23.91
N THR D 54 -12.11 -18.55 23.12
CA THR D 54 -12.08 -17.36 22.24
C THR D 54 -13.00 -17.72 21.09
N PRO D 55 -13.40 -16.77 20.25
CA PRO D 55 -14.15 -17.09 19.07
C PRO D 55 -13.25 -17.91 18.12
N ILE D 56 -13.84 -18.56 17.15
CA ILE D 56 -13.08 -19.30 16.12
C ILE D 56 -12.73 -18.20 15.13
N HIS D 57 -11.44 -17.94 14.88
CA HIS D 57 -11.14 -16.80 14.01
C HIS D 57 -9.86 -17.01 13.23
N ARG D 58 -9.57 -16.10 12.31
CA ARG D 58 -8.34 -16.19 11.52
C ARG D 58 -7.85 -14.72 11.45
N HIS D 59 -6.58 -14.56 11.08
CA HIS D 59 -6.05 -13.21 10.89
C HIS D 59 -4.80 -13.39 10.00
N SER D 60 -4.64 -12.52 9.04
CA SER D 60 -3.52 -12.69 8.10
C SER D 60 -2.26 -12.07 8.69
N CYS D 61 -1.67 -12.78 9.64
CA CYS D 61 -0.47 -12.34 10.32
C CYS D 61 0.07 -13.54 11.06
N GLU D 62 1.30 -13.45 11.52
CA GLU D 62 1.82 -14.55 12.33
C GLU D 62 1.32 -14.25 13.76
N GLU D 63 1.21 -15.29 14.54
CA GLU D 63 0.80 -15.13 15.93
C GLU D 63 1.38 -16.23 16.80
N VAL D 64 2.10 -15.80 17.81
CA VAL D 64 2.79 -16.69 18.76
C VAL D 64 2.28 -16.41 20.19
N PHE D 65 1.87 -17.51 20.81
CA PHE D 65 1.46 -17.61 22.19
C PHE D 65 2.55 -18.22 23.08
N THR D 66 2.73 -17.69 24.27
CA THR D 66 3.57 -18.25 25.34
C THR D 66 2.70 -18.35 26.58
N VAL D 67 2.63 -19.55 27.17
CA VAL D 67 1.69 -19.77 28.27
C VAL D 67 2.38 -19.48 29.60
N LEU D 68 1.95 -18.40 30.24
CA LEU D 68 2.56 -18.02 31.50
C LEU D 68 2.05 -18.84 32.69
N LYS D 69 0.76 -19.14 32.69
CA LYS D 69 0.12 -19.81 33.82
C LYS D 69 -1.05 -20.65 33.29
N GLY D 70 -1.32 -21.81 33.90
CA GLY D 70 -2.49 -22.57 33.48
C GLY D 70 -2.27 -23.46 32.26
N LYS D 71 -3.39 -23.98 31.73
CA LYS D 71 -3.35 -24.99 30.71
C LYS D 71 -4.58 -24.88 29.83
N GLY D 72 -4.58 -25.57 28.69
CA GLY D 72 -5.79 -25.41 27.88
C GLY D 72 -5.70 -26.28 26.63
N THR D 73 -6.59 -25.95 25.68
CA THR D 73 -6.61 -26.71 24.45
C THR D 73 -6.68 -25.78 23.24
N LEU D 74 -5.76 -26.06 22.32
CA LEU D 74 -5.70 -25.30 21.09
C LEU D 74 -6.49 -26.02 19.99
N LEU D 75 -7.45 -25.38 19.34
CA LEU D 75 -8.21 -25.93 18.25
C LEU D 75 -7.76 -25.26 16.93
N MET D 76 -7.39 -26.04 15.92
CA MET D 76 -6.84 -25.48 14.69
C MET D 76 -7.46 -26.16 13.48
N GLY D 77 -7.85 -25.33 12.52
CA GLY D 77 -8.44 -25.94 11.29
C GLY D 77 -7.58 -25.60 10.09
N SER D 78 -8.08 -25.82 8.87
CA SER D 78 -7.23 -25.49 7.73
C SER D 78 -7.66 -24.24 6.97
N SER D 79 -6.68 -23.58 6.37
CA SER D 79 -6.91 -22.39 5.57
C SER D 79 -7.00 -22.75 4.08
N SER D 80 -6.72 -24.00 3.69
CA SER D 80 -6.71 -24.33 2.28
C SER D 80 -7.98 -24.89 1.68
N LEU D 81 -8.80 -25.60 2.42
CA LEU D 81 -10.05 -26.13 1.84
C LEU D 81 -11.09 -25.03 1.89
N LYS D 82 -12.30 -25.17 1.38
CA LYS D 82 -13.28 -24.11 1.44
C LYS D 82 -13.74 -23.79 2.88
N TYR D 83 -13.62 -24.69 3.84
CA TYR D 83 -13.97 -24.35 5.22
C TYR D 83 -12.87 -24.91 6.12
N PRO D 84 -12.84 -24.44 7.36
CA PRO D 84 -11.87 -24.89 8.34
C PRO D 84 -11.80 -26.39 8.52
N GLY D 85 -12.95 -27.06 8.58
CA GLY D 85 -13.03 -28.50 8.76
C GLY D 85 -13.03 -28.86 10.24
N GLN D 86 -13.23 -30.15 10.52
CA GLN D 86 -13.21 -30.63 11.89
C GLN D 86 -11.79 -30.34 12.40
N PRO D 87 -11.67 -29.65 13.50
CA PRO D 87 -10.39 -29.16 13.97
C PRO D 87 -9.48 -30.13 14.68
N GLN D 88 -8.18 -29.82 14.65
CA GLN D 88 -7.23 -30.59 15.48
C GLN D 88 -7.40 -30.08 16.90
N GLU D 89 -7.34 -30.86 17.96
CA GLU D 89 -7.47 -30.32 19.32
C GLU D 89 -6.20 -30.68 20.06
N ILE D 90 -5.30 -29.74 20.30
CA ILE D 90 -4.02 -30.06 20.90
C ILE D 90 -3.88 -29.49 22.29
N PRO D 91 -3.64 -30.30 23.31
CA PRO D 91 -3.43 -29.81 24.64
C PRO D 91 -2.20 -28.91 24.79
N PHE D 92 -2.29 -27.94 25.69
CA PHE D 92 -1.10 -27.14 25.98
C PHE D 92 -1.07 -26.89 27.49
N PHE D 93 0.06 -26.51 28.06
CA PHE D 93 0.22 -26.33 29.50
C PHE D 93 1.18 -25.22 29.83
N GLN D 94 1.44 -24.93 31.10
CA GLN D 94 2.37 -23.85 31.47
C GLN D 94 3.75 -24.00 30.83
N ASN D 95 4.29 -22.87 30.39
CA ASN D 95 5.58 -22.80 29.74
C ASN D 95 5.64 -23.53 28.40
N THR D 96 4.51 -23.57 27.68
CA THR D 96 4.56 -24.08 26.31
C THR D 96 4.39 -22.83 25.40
N THR D 97 4.61 -23.07 24.12
CA THR D 97 4.45 -22.04 23.09
C THR D 97 3.82 -22.67 21.87
N PHE D 98 3.05 -21.92 21.13
CA PHE D 98 2.50 -22.32 19.86
C PHE D 98 2.30 -21.14 18.89
N SER D 99 2.60 -21.41 17.62
CA SER D 99 2.47 -20.32 16.61
C SER D 99 1.42 -20.70 15.62
N ILE D 100 0.50 -19.79 15.31
CA ILE D 100 -0.59 -20.12 14.39
C ILE D 100 -0.22 -19.77 12.97
N PRO D 101 -0.09 -20.67 12.06
CA PRO D 101 0.24 -20.31 10.68
C PRO D 101 -0.71 -19.27 10.13
N VAL D 102 -0.19 -18.36 9.27
CA VAL D 102 -0.94 -17.29 8.68
C VAL D 102 -2.29 -17.75 8.15
N ASN D 103 -3.38 -17.12 8.67
CA ASN D 103 -4.73 -17.40 8.20
C ASN D 103 -5.34 -18.73 8.64
N ASP D 104 -4.71 -19.55 9.46
CA ASP D 104 -5.34 -20.76 9.95
C ASP D 104 -6.46 -20.36 10.94
N PRO D 105 -7.63 -20.92 10.73
CA PRO D 105 -8.77 -20.71 11.62
C PRO D 105 -8.48 -21.38 12.95
N HIS D 106 -8.53 -20.73 14.10
CA HIS D 106 -8.19 -21.37 15.35
C HIS D 106 -9.05 -20.81 16.50
N GLN D 107 -8.95 -21.54 17.60
CA GLN D 107 -9.70 -21.18 18.81
C GLN D 107 -8.87 -21.55 20.02
N VAL D 108 -8.81 -20.70 21.04
CA VAL D 108 -8.08 -21.06 22.26
C VAL D 108 -9.11 -21.28 23.37
N TRP D 109 -9.10 -22.45 23.96
CA TRP D 109 -10.05 -22.84 25.00
C TRP D 109 -9.34 -23.17 26.30
N ASN D 110 -9.78 -22.52 27.39
CA ASN D 110 -9.28 -22.81 28.71
C ASN D 110 -10.14 -24.03 29.14
N SER D 111 -9.63 -25.20 28.80
CA SER D 111 -10.31 -26.45 29.16
C SER D 111 -10.02 -26.85 30.60
N ASP D 112 -9.36 -26.05 31.43
CA ASP D 112 -9.17 -26.43 32.82
C ASP D 112 -10.42 -26.10 33.64
N GLU D 113 -10.75 -26.95 34.63
CA GLU D 113 -11.93 -26.66 35.43
C GLU D 113 -11.71 -25.60 36.50
N HIS D 114 -10.48 -25.30 36.87
CA HIS D 114 -10.31 -24.40 38.02
C HIS D 114 -9.24 -23.36 37.88
N GLU D 115 -8.24 -23.49 36.97
CA GLU D 115 -7.26 -22.39 37.03
C GLU D 115 -7.36 -21.48 35.81
N ASP D 116 -7.02 -20.23 36.06
CA ASP D 116 -7.01 -19.21 35.02
C ASP D 116 -5.87 -19.55 34.05
N LEU D 117 -6.10 -19.28 32.79
CA LEU D 117 -5.05 -19.47 31.77
C LEU D 117 -4.49 -18.09 31.49
N GLN D 118 -3.17 -17.87 31.63
CA GLN D 118 -2.63 -16.56 31.32
C GLN D 118 -1.61 -16.70 30.15
N VAL D 119 -1.80 -15.96 29.07
CA VAL D 119 -0.90 -16.07 27.91
C VAL D 119 -0.37 -14.71 27.46
N LEU D 120 0.83 -14.71 26.91
CA LEU D 120 1.32 -13.54 26.18
C LEU D 120 1.09 -13.90 24.72
N VAL D 121 0.50 -13.01 23.93
CA VAL D 121 0.18 -13.23 22.55
C VAL D 121 0.95 -12.20 21.72
N ILE D 122 1.71 -12.69 20.72
CA ILE D 122 2.48 -11.71 19.89
C ILE D 122 2.00 -11.77 18.45
N ILE D 123 1.74 -10.66 17.77
CA ILE D 123 1.26 -10.73 16.36
C ILE D 123 2.15 -9.84 15.48
N SER D 124 2.22 -10.19 14.19
CA SER D 124 2.86 -9.34 13.20
C SER D 124 1.77 -8.49 12.58
N ARG D 125 2.15 -7.51 11.74
CA ARG D 125 1.32 -6.61 10.97
C ARG D 125 0.15 -5.99 11.74
N PRO D 126 0.39 -5.41 12.89
CA PRO D 126 -0.70 -4.85 13.72
C PRO D 126 -1.27 -3.58 13.14
N PRO D 127 -2.48 -3.22 13.53
CA PRO D 127 -3.28 -3.96 14.47
C PRO D 127 -3.94 -5.18 13.82
N ALA D 128 -4.44 -6.09 14.62
CA ALA D 128 -5.08 -7.30 14.14
C ALA D 128 -6.35 -7.07 13.32
N LYS D 129 -6.45 -7.81 12.21
CA LYS D 129 -7.60 -7.79 11.32
C LYS D 129 -8.28 -9.16 11.47
N ILE D 130 -9.17 -9.33 12.43
CA ILE D 130 -9.70 -10.65 12.77
C ILE D 130 -11.00 -10.98 12.06
N PHE D 131 -11.07 -12.16 11.43
CA PHE D 131 -12.27 -12.60 10.74
C PHE D 131 -12.89 -13.75 11.57
N LEU D 132 -14.18 -13.58 11.91
CA LEU D 132 -14.81 -14.52 12.85
C LEU D 132 -15.64 -15.59 12.18
N TYR D 133 -15.51 -16.83 12.67
CA TYR D 133 -16.33 -17.92 12.07
C TYR D 133 -17.45 -18.29 13.05
N ASP D 134 -18.68 -18.64 12.61
CA ASP D 134 -19.60 -19.01 13.71
C ASP D 134 -19.37 -20.48 14.07
N ASP D 135 -18.82 -21.29 13.19
CA ASP D 135 -18.52 -22.66 13.56
C ASP D 135 -17.50 -23.18 12.55
N TRP D 136 -17.04 -24.39 12.79
CA TRP D 136 -16.01 -24.93 11.91
C TRP D 136 -16.48 -25.28 10.51
N SER D 137 -17.75 -25.25 10.18
CA SER D 137 -18.24 -25.52 8.84
C SER D 137 -18.46 -24.24 8.06
N MET D 138 -18.28 -23.09 8.69
CA MET D 138 -18.45 -21.81 7.95
C MET D 138 -17.33 -21.61 6.96
N PRO D 139 -17.65 -21.42 5.67
CA PRO D 139 -16.67 -21.23 4.63
C PRO D 139 -15.83 -19.99 4.91
N HIS D 140 -14.54 -20.08 4.55
CA HIS D 140 -13.62 -18.96 4.79
C HIS D 140 -14.12 -17.64 4.22
N THR D 141 -14.74 -17.64 3.04
CA THR D 141 -15.23 -16.44 2.41
C THR D 141 -16.39 -15.79 3.15
N ALA D 142 -17.05 -16.53 4.02
CA ALA D 142 -18.15 -16.07 4.80
C ALA D 142 -17.75 -15.49 6.15
N ALA D 143 -16.54 -15.77 6.63
CA ALA D 143 -16.09 -15.27 7.93
C ALA D 143 -16.18 -13.74 7.97
N VAL D 144 -16.64 -13.21 9.09
CA VAL D 144 -16.87 -11.77 9.25
C VAL D 144 -15.74 -10.94 9.84
N LEU D 145 -15.23 -9.95 9.11
CA LEU D 145 -14.21 -9.04 9.63
C LEU D 145 -14.80 -8.20 10.79
N LYS D 146 -14.12 -8.13 11.91
CA LYS D 146 -14.49 -7.35 13.08
C LYS D 146 -13.26 -6.46 13.31
N PHE D 147 -13.23 -5.31 12.64
CA PHE D 147 -12.10 -4.40 12.69
C PHE D 147 -12.56 -2.96 12.70
N PRO D 148 -12.10 -2.18 13.69
CA PRO D 148 -11.20 -2.65 14.71
C PRO D 148 -11.79 -3.68 15.65
N PHE D 149 -10.96 -4.51 16.26
CA PHE D 149 -11.45 -5.47 17.26
C PHE D 149 -11.76 -4.70 18.55
N VAL D 150 -12.58 -5.25 19.46
CA VAL D 150 -12.96 -4.47 20.64
C VAL D 150 -11.84 -3.79 21.40
N TRP D 151 -10.65 -4.38 21.60
CA TRP D 151 -9.62 -3.68 22.39
C TRP D 151 -8.89 -2.58 21.60
N ASP D 152 -9.23 -2.42 20.32
CA ASP D 152 -8.67 -1.31 19.53
C ASP D 152 -9.71 -0.26 19.19
N GLU D 153 -10.98 -0.49 19.51
CA GLU D 153 -12.01 0.45 19.05
C GLU D 153 -11.79 1.91 19.44
N ASP D 154 -11.54 2.12 20.74
CA ASP D 154 -11.45 3.51 21.20
C ASP D 154 -10.29 4.25 20.58
N CYS D 155 -9.13 3.58 20.55
CA CYS D 155 -7.99 4.29 19.92
C CYS D 155 -8.13 4.36 18.40
N PHE D 156 -8.81 3.39 17.77
CA PHE D 156 -9.02 3.48 16.33
C PHE D 156 -9.85 4.70 16.01
N GLU D 157 -10.97 4.88 16.73
CA GLU D 157 -11.81 6.04 16.47
C GLU D 157 -11.06 7.33 16.70
N ALA D 158 -10.19 7.39 17.71
CA ALA D 158 -9.44 8.62 18.01
C ALA D 158 -8.34 8.93 17.01
N ALA D 159 -7.90 7.94 16.22
CA ALA D 159 -6.83 8.18 15.26
C ALA D 159 -7.37 8.52 13.88
N LYS D 160 -8.67 8.64 13.71
CA LYS D 160 -9.17 8.96 12.36
C LYS D 160 -8.61 10.32 11.95
C1 NAG E . 1.86 -8.04 35.40
C2 NAG E . 1.67 -9.27 36.28
C3 NAG E . 0.46 -10.02 35.73
C4 NAG E . -0.76 -9.07 35.75
C5 NAG E . -0.46 -7.77 34.94
C6 NAG E . -1.57 -6.72 35.12
C7 NAG E . 3.83 -10.26 36.95
C8 NAG E . 4.94 -11.15 36.51
N2 NAG E . 2.82 -10.18 36.05
O3 NAG E . 0.23 -11.20 36.47
O4 NAG E . -1.85 -9.77 35.12
O5 NAG E . 0.71 -7.21 35.52
O6 NAG E . -1.79 -6.48 36.51
O7 NAG E . 3.81 -9.69 37.95
C1 NAG E . -3.09 -9.65 35.82
C2 NAG E . -4.18 -10.22 34.93
C3 NAG E . -5.53 -10.22 35.66
C4 NAG E . -5.38 -10.99 36.99
C5 NAG E . -4.20 -10.37 37.77
C6 NAG E . -3.88 -11.08 39.07
C7 NAG E . -4.03 -9.95 32.47
C8 NAG E . -4.23 -8.99 31.35
N2 NAG E . -4.30 -9.39 33.70
O3 NAG E . -6.44 -10.89 34.80
O4 NAG E . -6.56 -10.86 37.84
O5 NAG E . -2.99 -10.53 36.98
O6 NAG E . -3.64 -12.41 38.94
O7 NAG E . -3.72 -11.05 32.31
C1 BMA E . -7.34 -12.04 37.89
C2 BMA E . -8.29 -11.89 39.13
C3 BMA E . -9.17 -13.11 39.04
C4 BMA E . -10.00 -13.07 37.78
C5 BMA E . -8.94 -13.15 36.63
C6 BMA E . -9.57 -13.42 35.33
O2 BMA E . -9.04 -10.71 38.97
O3 BMA E . -10.05 -13.16 40.16
O4 BMA E . -10.79 -14.24 37.67
O5 BMA E . -8.17 -11.97 36.71
O6 BMA E . -10.55 -12.29 35.20
C1 MAN E . -11.64 -12.19 34.19
C2 MAN E . -12.45 -10.93 33.86
C3 MAN E . -13.21 -10.79 35.18
C4 MAN E . -14.14 -11.90 35.56
C5 MAN E . -13.20 -13.11 35.74
C6 MAN E . -13.85 -14.39 36.12
O2 MAN E . -13.29 -11.09 32.77
O3 MAN E . -14.03 -9.59 34.98
O4 MAN E . -14.84 -11.58 36.75
O5 MAN E . -12.49 -13.29 34.50
O6 MAN E . -14.97 -14.58 35.18
C1 MAN E . -14.10 -8.28 35.63
C2 MAN E . -15.26 -7.27 35.41
C3 MAN E . -14.99 -6.70 34.04
C4 MAN E . -13.58 -6.13 33.95
C5 MAN E . -12.48 -7.16 34.28
C6 MAN E . -11.07 -6.53 34.41
O2 MAN E . -15.18 -6.38 36.50
O3 MAN E . -16.01 -5.70 33.82
O4 MAN E . -13.36 -5.62 32.67
O5 MAN E . -12.79 -7.72 35.54
O6 MAN E . -10.17 -7.60 34.29
C1 MAN E . -16.11 -15.57 35.17
C2 MAN E . -17.20 -15.65 34.07
C3 MAN E . -17.88 -14.29 34.16
C4 MAN E . -18.50 -14.07 35.51
C5 MAN E . -17.44 -14.22 36.63
C6 MAN E . -18.08 -14.24 37.99
O2 MAN E . -18.02 -16.76 34.18
O3 MAN E . -18.74 -14.30 33.04
O4 MAN E . -19.11 -12.80 35.60
O5 MAN E . -16.69 -15.43 36.47
O6 MAN E . -17.12 -14.06 38.97
C1 NAG F . 5.88 7.05 -28.88
C2 NAG F . 6.82 8.18 -29.22
C3 NAG F . 6.27 9.05 -30.36
C4 NAG F . 5.94 8.15 -31.55
C5 NAG F . 5.01 6.97 -31.07
C6 NAG F . 4.68 6.08 -32.21
C7 NAG F . 7.89 9.00 -27.13
C8 NAG F . 7.71 9.95 -25.98
N2 NAG F . 6.92 9.12 -28.07
O3 NAG F . 7.27 9.98 -30.70
O4 NAG F . 5.16 8.99 -32.39
O5 NAG F . 5.70 6.25 -30.06
O6 NAG F . 5.78 5.48 -32.78
O7 NAG F . 8.72 8.22 -27.24
C1 NAG F . 5.51 8.95 -33.76
C2 NAG F . 4.43 9.68 -34.54
C3 NAG F . 4.81 9.75 -36.02
C4 NAG F . 6.22 10.37 -36.13
C5 NAG F . 7.22 9.63 -35.26
C6 NAG F . 8.59 10.27 -35.21
C7 NAG F . 2.03 9.60 -33.92
C8 NAG F . 0.80 8.76 -34.04
N2 NAG F . 3.11 8.97 -34.51
O3 NAG F . 3.86 10.54 -36.69
O4 NAG F . 6.65 10.35 -37.52
O5 NAG F . 6.75 9.66 -33.89
O6 NAG F . 8.58 11.56 -34.74
O7 NAG F . 2.03 10.64 -33.41
C1 BMA F . 6.52 11.56 -38.17
C2 BMA F . 7.59 11.59 -39.35
C3 BMA F . 7.34 12.91 -40.05
C4 BMA F . 5.93 13.09 -40.56
C5 BMA F . 5.03 12.86 -39.32
C6 BMA F . 3.58 13.00 -39.53
O2 BMA F . 7.40 10.46 -40.18
O3 BMA F . 8.26 13.13 -41.13
O4 BMA F . 5.73 14.40 -41.06
O5 BMA F . 5.23 11.54 -38.79
O6 BMA F . 3.25 12.20 -40.71
C1 MAN F . 2.07 12.33 -41.60
C2 MAN F . 1.50 11.08 -42.36
C3 MAN F . 2.62 10.89 -43.37
C4 MAN F . 2.95 11.99 -44.34
C5 MAN F . 3.38 13.15 -43.41
C6 MAN F . 3.72 14.47 -44.08
O2 MAN F . 0.29 11.33 -42.92
O3 MAN F . 2.30 9.72 -44.15
O4 MAN F . 4.04 11.55 -45.18
O5 MAN F . 2.33 13.44 -42.50
O6 MAN F . 2.55 14.74 -44.93
C1 MAN F . 2.85 8.40 -44.37
C2 MAN F . 2.30 7.44 -45.45
C3 MAN F . 0.94 6.96 -44.98
C4 MAN F . 1.02 6.35 -43.59
C5 MAN F . 1.63 7.36 -42.61
C6 MAN F . 2.01 6.65 -41.28
O2 MAN F . 3.27 6.45 -45.58
O3 MAN F . 0.52 5.98 -45.92
O4 MAN F . -0.26 5.87 -43.16
O5 MAN F . 2.89 7.91 -43.04
O6 MAN F . 1.70 7.71 -40.40
C1 MAN F . 2.18 15.63 -46.03
C2 MAN F . 0.91 16.00 -46.84
C3 MAN F . 0.71 14.76 -47.68
C4 MAN F . 1.82 14.55 -48.68
C5 MAN F . 3.18 14.50 -47.93
C6 MAN F . 4.34 14.69 -48.93
O2 MAN F . 1.12 17.23 -47.49
O3 MAN F . -0.59 14.77 -48.27
O4 MAN F . 1.62 13.30 -49.30
O5 MAN F . 3.30 15.46 -46.91
O6 MAN F . 5.42 14.01 -48.32
C1 NAG G . 5.00 20.96 -19.40
C2 NAG G . 6.29 20.23 -19.60
C3 NAG G . 6.54 19.26 -18.46
C4 NAG G . 6.44 20.07 -17.14
C5 NAG G . 5.12 20.84 -17.05
C6 NAG G . 4.96 21.77 -15.86
C7 NAG G . 6.90 19.92 -21.97
C8 NAG G . 6.83 19.06 -23.16
N2 NAG G . 6.26 19.43 -20.87
O3 NAG G . 7.86 18.73 -18.52
O4 NAG G . 6.60 19.10 -16.11
O5 NAG G . 5.05 21.70 -18.17
O6 NAG G . 6.02 22.66 -15.72
O7 NAG G . 7.42 20.93 -21.94
C1 NAG G . 7.47 19.49 -15.07
C2 NAG G . 7.24 18.53 -13.90
C3 NAG G . 8.20 18.81 -12.78
C4 NAG G . 9.65 18.80 -13.32
C5 NAG G . 9.74 19.77 -14.52
C6 NAG G . 11.11 19.83 -15.15
C7 NAG G . 4.95 17.73 -13.41
C8 NAG G . 3.66 17.98 -12.72
N2 NAG G . 5.84 18.75 -13.40
O3 NAG G . 8.09 17.81 -11.78
O4 NAG G . 10.57 19.23 -12.28
O5 NAG G . 8.82 19.37 -15.53
O6 NAG G . 11.54 18.57 -15.54
O7 NAG G . 5.16 16.71 -13.90
C1 BMA G . 11.37 18.18 -11.80
C2 BMA G . 12.75 18.71 -11.34
C3 BMA G . 13.56 17.75 -10.46
C4 BMA G . 12.68 17.27 -9.33
C5 BMA G . 11.48 16.66 -10.09
C6 BMA G . 10.63 15.68 -9.38
O2 BMA G . 12.54 19.83 -10.52
O3 BMA G . 14.66 18.52 -9.98
O4 BMA G . 13.28 16.29 -8.52
O5 BMA G . 10.67 17.70 -10.65
O6 BMA G . 10.05 16.36 -8.22
C1 MAN G . 9.48 16.11 -6.88
C2 MAN G . 8.82 17.05 -5.82
C3 MAN G . 10.03 17.77 -5.27
C4 MAN G . 11.07 16.93 -4.63
C5 MAN G . 11.53 15.97 -5.79
C6 MAN G . 12.69 15.09 -5.47
O2 MAN G . 8.09 16.36 -4.88
O3 MAN G . 9.56 18.81 -4.36
O4 MAN G . 12.14 17.72 -4.17
O5 MAN G . 10.36 15.23 -6.16
O6 MAN G . 12.34 14.42 -4.23
C1 MAN G . 9.38 20.23 -4.13
C2 MAN G . 9.00 21.13 -2.91
C3 MAN G . 7.51 20.91 -2.74
C4 MAN G . 6.76 21.32 -3.98
C5 MAN G . 7.31 20.60 -5.24
C6 MAN G . 6.74 21.16 -6.54
O2 MAN G . 9.37 22.45 -3.21
O3 MAN G . 6.99 21.59 -1.59
O4 MAN G . 5.39 21.02 -3.84
O5 MAN G . 8.73 20.68 -5.33
O6 MAN G . 6.94 20.14 -7.49
C1 MAN G . 12.64 13.65 -3.01
C2 MAN G . 11.87 13.29 -1.68
C3 MAN G . 11.90 14.56 -0.84
C4 MAN G . 13.26 15.16 -0.64
C5 MAN G . 13.96 15.33 -2.02
C6 MAN G . 15.38 15.86 -1.97
O2 MAN G . 12.40 12.16 -1.05
O3 MAN G . 11.24 14.24 0.39
O4 MAN G . 13.23 16.44 -0.02
O5 MAN G . 13.96 14.04 -2.65
O6 MAN G . 15.93 15.87 -3.27
C1 NAG H . 10.12 -21.85 31.26
C2 NAG H . 10.28 -21.32 32.67
C3 NAG H . 11.53 -20.43 32.65
C4 NAG H . 12.76 -21.28 32.21
C5 NAG H . 12.46 -21.86 30.80
C6 NAG H . 13.52 -22.84 30.32
C7 NAG H . 7.95 -20.80 33.53
C8 NAG H . 6.89 -19.77 33.41
N2 NAG H . 9.16 -20.41 33.00
O3 NAG H . 11.82 -19.91 33.95
O4 NAG H . 13.87 -20.38 32.20
O5 NAG H . 11.27 -22.64 30.97
O6 NAG H . 13.75 -23.82 31.28
O7 NAG H . 7.83 -21.82 34.00
C1 NAG H . 15.06 -20.86 32.73
C2 NAG H . 16.16 -19.85 32.35
C3 NAG H . 17.46 -20.25 33.01
C4 NAG H . 17.23 -20.41 34.55
C5 NAG H . 16.05 -21.37 34.82
C6 NAG H . 15.66 -21.45 36.29
C7 NAG H . 16.05 -18.67 30.17
C8 NAG H . 16.39 -18.85 28.73
N2 NAG H . 16.27 -19.81 30.87
O3 NAG H . 18.42 -19.24 32.78
O4 NAG H . 18.38 -20.90 35.22
O5 NAG H . 14.92 -20.81 34.18
O6 NAG H . 15.69 -20.19 36.85
O7 NAG H . 15.61 -17.72 30.63
C1 BMA H . 19.16 -19.91 35.86
C2 BMA H . 20.01 -20.57 37.00
C3 BMA H . 20.86 -19.49 37.65
C4 BMA H . 21.75 -18.86 36.60
C5 BMA H . 20.81 -18.37 35.45
C6 BMA H . 21.45 -17.52 34.41
O2 BMA H . 20.81 -21.55 36.35
O3 BMA H . 21.53 -19.96 38.85
O4 BMA H . 22.43 -17.71 37.02
O5 BMA H . 20.11 -19.45 34.87
O6 BMA H . 22.54 -18.19 33.74
C1 MAN H . 23.81 -18.03 32.98
C2 MAN H . 24.68 -18.90 31.99
C3 MAN H . 25.47 -19.76 32.94
C4 MAN H . 26.34 -19.05 33.95
C5 MAN H . 25.31 -18.23 34.75
C6 MAN H . 25.71 -17.48 35.97
O2 MAN H . 25.42 -18.09 31.11
O3 MAN H . 26.24 -20.78 32.25
O4 MAN H . 27.06 -20.01 34.68
O5 MAN H . 24.70 -17.30 33.82
O6 MAN H . 26.98 -16.85 35.81
C1 MAN H . 26.32 -22.18 31.85
C2 MAN H . 27.13 -23.29 31.10
C3 MAN H . 27.14 -22.70 29.69
C4 MAN H . 25.76 -22.87 29.12
C5 MAN H . 24.73 -22.13 30.03
C6 MAN H . 23.28 -22.47 29.76
O2 MAN H . 26.42 -24.48 31.22
O3 MAN H . 28.21 -23.24 28.93
O4 MAN H . 25.69 -22.39 27.81
O5 MAN H . 24.98 -22.39 31.41
O6 MAN H . 22.71 -23.01 30.93
C1 MAN H . 28.28 -16.16 35.90
C2 MAN H . 29.29 -15.70 34.79
C3 MAN H . 29.85 -16.98 34.18
C4 MAN H . 30.43 -17.99 35.14
C5 MAN H . 29.48 -18.15 36.35
C6 MAN H . 30.02 -18.96 37.49
O2 MAN H . 30.27 -14.84 35.30
O3 MAN H . 30.81 -16.59 33.21
O4 MAN H . 30.62 -19.26 34.56
O5 MAN H . 29.09 -16.87 36.85
O6 MAN H . 29.13 -20.04 37.65
ZN ZN I . 18.58 -5.30 20.76
ZN ZN J . -4.84 4.75 -9.47
ZN ZN K . -13.03 16.90 -32.07
ZN ZN L . -5.65 -15.71 16.87
#